data_4W87
#
_entry.id   4W87
#
_cell.length_a   96.504
_cell.length_b   96.504
_cell.length_c   95.857
_cell.angle_alpha   90.000
_cell.angle_beta   90.000
_cell.angle_gamma   120.000
#
_symmetry.space_group_name_H-M   'P 31'
#
loop_
_entity.id
_entity.type
_entity.pdbx_description
1 polymer 'Xyloglucan-specific endo-beta-1,4-glucanase'
2 branched alpha-D-xylopyranose-(1-6)-beta-D-glucopyranose-(1-4)-beta-D-glucopyranose-(1-4)-beta-D-glucopyranose
3 non-polymer 'MAGNESIUM ION'
4 water water
#
_entity_poly.entity_id   1
_entity_poly.type   'polypeptide(L)'
_entity_poly.pdbx_seq_one_letter_code
;DRSRVFDILSNINIGWNLGNTLDATGGGNSVNAETSWGNPKTTQEIVDTVNDRGFNAIRIPVTFANHLGPAPEYTISADW
LARVKEVVDYAVNDGMYIILDTHHETNYWLKTDPNNEAALCEELAAIWKQLAEAFKDYDEKLMFEGMNEPRMAGSAKEWS
GGTPAERKLINAMNKAFIDAVRATGGNNADRVLIICTYGHNSDEPTLKDLEIPSDPNIAVALHTYTPYFFTYVADGSYSV
WNGSKKNDITWQYNNIKKYLIDKGIPVVITETGAQFKENTEDIVRWIGDYVGTLDQDGVKCFIWDNNIYHGNGEKFGLLN
RSLLKWYNDDIVDAYVNHA
;
_entity_poly.pdbx_strand_id   A,B
#
# COMPACT_ATOMS: atom_id res chain seq x y z
N ASP A 1 5.99 9.37 1.96
CA ASP A 1 7.39 8.88 1.87
C ASP A 1 7.53 7.74 0.87
N ARG A 2 8.07 8.10 -0.29
CA ARG A 2 8.24 7.13 -1.35
C ARG A 2 9.69 6.72 -1.43
N SER A 3 10.44 6.92 -0.34
CA SER A 3 11.88 6.63 -0.39
C SER A 3 12.27 5.16 -0.71
N ARG A 4 11.42 4.21 -0.35
CA ARG A 4 11.78 2.86 -0.69
C ARG A 4 12.01 2.69 -2.24
N VAL A 5 11.15 3.33 -3.02
CA VAL A 5 11.24 3.23 -4.47
C VAL A 5 12.55 3.89 -4.95
N PHE A 6 12.80 5.13 -4.51
CA PHE A 6 14.08 5.77 -4.79
C PHE A 6 15.28 4.86 -4.47
N ASP A 7 15.29 4.19 -3.30
CA ASP A 7 16.43 3.33 -2.98
C ASP A 7 16.55 2.23 -3.93
N ILE A 8 15.43 1.65 -4.27
CA ILE A 8 15.52 0.53 -5.17
C ILE A 8 16.08 1.00 -6.50
N LEU A 9 15.51 2.05 -7.07
CA LEU A 9 15.97 2.53 -8.39
C LEU A 9 17.41 2.93 -8.39
N SER A 10 17.89 3.54 -7.31
CA SER A 10 19.27 4.02 -7.24
C SER A 10 20.23 2.89 -7.50
N ASN A 11 19.81 1.66 -7.31
CA ASN A 11 20.68 0.57 -7.69
C ASN A 11 20.95 0.29 -9.16
N ILE A 12 20.21 0.92 -10.06
CA ILE A 12 20.36 0.71 -11.47
C ILE A 12 21.45 1.61 -12.03
N ASN A 13 22.34 1.06 -12.84
CA ASN A 13 23.25 1.93 -13.63
C ASN A 13 22.43 2.55 -14.75
N ILE A 14 21.96 1.70 -15.65
CA ILE A 14 21.13 2.11 -16.78
C ILE A 14 20.52 0.86 -17.36
N GLY A 15 19.37 1.01 -18.00
CA GLY A 15 18.61 -0.17 -18.41
C GLY A 15 18.58 -0.40 -19.90
N TRP A 16 18.10 -1.60 -20.25
CA TRP A 16 18.08 -2.06 -21.59
C TRP A 16 16.77 -2.77 -21.87
N ASN A 17 16.11 -2.44 -22.98
CA ASN A 17 14.91 -3.10 -23.46
C ASN A 17 15.15 -4.22 -24.43
N LEU A 18 14.45 -5.31 -24.22
CA LEU A 18 14.50 -6.44 -25.11
C LEU A 18 13.44 -6.22 -26.18
N GLY A 19 13.76 -5.30 -27.09
CA GLY A 19 12.87 -4.87 -28.07
C GLY A 19 12.52 -5.86 -29.16
N ASN A 20 11.29 -5.75 -29.60
CA ASN A 20 10.79 -6.46 -30.76
C ASN A 20 10.90 -7.98 -30.58
N THR A 21 10.48 -8.44 -29.41
CA THR A 21 10.73 -9.81 -29.03
C THR A 21 9.47 -10.34 -28.46
N LEU A 22 9.32 -10.38 -27.14
CA LEU A 22 8.03 -10.85 -26.60
C LEU A 22 6.88 -9.88 -26.88
N ASP A 23 7.24 -8.63 -27.16
CA ASP A 23 6.34 -7.61 -27.65
C ASP A 23 5.87 -7.86 -29.08
N ALA A 24 6.57 -8.69 -29.84
CA ALA A 24 6.21 -8.91 -31.25
C ALA A 24 4.85 -9.57 -31.36
N THR A 25 4.14 -9.28 -32.46
CA THR A 25 2.75 -9.70 -32.60
C THR A 25 2.38 -10.73 -33.64
N GLY A 26 3.32 -11.27 -34.40
CA GLY A 26 3.02 -12.31 -35.37
C GLY A 26 2.89 -13.63 -34.61
N GLY A 27 2.64 -14.72 -35.34
CA GLY A 27 2.65 -16.09 -34.80
C GLY A 27 1.39 -16.47 -34.03
N GLY A 28 0.51 -15.52 -33.81
CA GLY A 28 -0.77 -15.88 -33.23
C GLY A 28 -0.51 -16.33 -31.81
N ASN A 29 -1.31 -17.30 -31.38
CA ASN A 29 -1.31 -17.75 -30.01
C ASN A 29 -0.27 -18.84 -29.86
N SER A 30 1.01 -18.50 -30.06
CA SER A 30 2.09 -19.48 -29.87
C SER A 30 3.37 -18.80 -29.40
N VAL A 31 4.31 -19.59 -28.91
CA VAL A 31 5.57 -19.01 -28.45
C VAL A 31 6.41 -18.40 -29.60
N ASN A 32 6.04 -18.73 -30.83
CA ASN A 32 6.79 -18.27 -31.97
C ASN A 32 6.61 -16.78 -32.16
N ALA A 33 5.68 -16.16 -31.44
CA ALA A 33 5.58 -14.68 -31.51
C ALA A 33 6.91 -14.03 -31.22
N GLU A 34 7.66 -14.66 -30.34
CA GLU A 34 8.95 -14.13 -29.93
C GLU A 34 9.85 -13.87 -31.11
N THR A 35 9.84 -14.77 -32.08
CA THR A 35 10.68 -14.67 -33.29
C THR A 35 9.99 -14.08 -34.51
N SER A 36 8.72 -13.74 -34.37
CA SER A 36 7.93 -13.28 -35.53
C SER A 36 8.42 -11.99 -36.15
N TRP A 37 9.21 -11.17 -35.46
CA TRP A 37 9.67 -9.92 -36.07
C TRP A 37 11.12 -10.02 -36.46
N GLY A 38 11.62 -11.24 -36.65
CA GLY A 38 12.96 -11.50 -37.11
C GLY A 38 14.05 -11.57 -36.07
N ASN A 39 13.72 -11.48 -34.79
CA ASN A 39 14.78 -11.66 -33.79
C ASN A 39 14.92 -13.09 -33.39
N PRO A 40 16.12 -13.46 -32.94
CA PRO A 40 16.35 -14.79 -32.45
C PRO A 40 15.71 -15.01 -31.07
N LYS A 41 15.50 -16.28 -30.78
CA LYS A 41 14.97 -16.67 -29.52
C LYS A 41 15.89 -16.22 -28.38
N THR A 42 15.29 -15.53 -27.41
CA THR A 42 16.11 -14.95 -26.34
C THR A 42 16.74 -16.07 -25.55
N THR A 43 18.01 -15.92 -25.18
CA THR A 43 18.71 -16.93 -24.38
C THR A 43 19.31 -16.31 -23.14
N GLN A 44 19.77 -17.16 -22.22
CA GLN A 44 20.47 -16.73 -21.02
C GLN A 44 21.73 -15.94 -21.35
N GLU A 45 22.41 -16.38 -22.39
CA GLU A 45 23.64 -15.75 -22.87
C GLU A 45 23.37 -14.31 -23.29
N ILE A 46 22.26 -14.08 -23.99
CA ILE A 46 21.95 -12.73 -24.46
C ILE A 46 21.79 -11.80 -23.27
N VAL A 47 21.10 -12.29 -22.25
CA VAL A 47 20.83 -11.43 -21.10
C VAL A 47 22.12 -11.22 -20.30
N ASP A 48 22.92 -12.29 -20.19
CA ASP A 48 24.22 -12.18 -19.51
C ASP A 48 25.02 -11.04 -20.17
N THR A 49 24.97 -10.95 -21.49
CA THR A 49 25.88 -10.07 -22.21
C THR A 49 25.49 -8.64 -21.93
N VAL A 50 24.18 -8.41 -21.94
CA VAL A 50 23.63 -7.09 -21.58
C VAL A 50 24.08 -6.71 -20.17
N ASN A 51 23.81 -7.60 -19.22
CA ASN A 51 24.20 -7.37 -17.83
C ASN A 51 25.69 -7.20 -17.73
N ASP A 52 26.46 -8.06 -18.38
CA ASP A 52 27.95 -7.90 -18.37
C ASP A 52 28.47 -6.55 -18.87
N ARG A 53 27.81 -5.92 -19.84
CA ARG A 53 28.32 -4.68 -20.39
C ARG A 53 28.04 -3.58 -19.39
N GLY A 54 27.09 -3.84 -18.50
CA GLY A 54 26.75 -2.82 -17.52
C GLY A 54 25.32 -2.31 -17.51
N PHE A 55 24.44 -2.90 -18.35
CA PHE A 55 23.01 -2.61 -18.25
C PHE A 55 22.49 -3.58 -17.21
N ASN A 56 22.47 -3.18 -15.96
CA ASN A 56 22.10 -4.16 -14.94
C ASN A 56 20.62 -4.19 -14.68
N ALA A 57 19.89 -3.46 -15.50
CA ALA A 57 18.45 -3.47 -15.48
C ALA A 57 17.89 -3.78 -16.89
N ILE A 58 16.85 -4.57 -16.92
CA ILE A 58 16.29 -4.96 -18.19
C ILE A 58 14.77 -4.83 -18.21
N ARG A 59 14.23 -4.24 -19.28
CA ARG A 59 12.81 -4.20 -19.57
C ARG A 59 12.46 -5.25 -20.60
N ILE A 60 11.46 -6.02 -20.23
CA ILE A 60 10.94 -7.11 -21.04
C ILE A 60 9.55 -6.69 -21.49
N PRO A 61 9.51 -6.08 -22.68
CA PRO A 61 8.25 -5.75 -23.25
C PRO A 61 7.56 -7.00 -23.74
N VAL A 62 6.27 -7.10 -23.42
CA VAL A 62 5.47 -8.29 -23.84
C VAL A 62 4.09 -7.92 -24.30
N THR A 63 3.70 -8.45 -25.43
CA THR A 63 2.36 -8.28 -25.86
C THR A 63 1.57 -9.59 -25.65
N PHE A 64 0.49 -9.45 -24.85
CA PHE A 64 -0.32 -10.58 -24.35
C PHE A 64 -1.52 -10.96 -25.23
N ALA A 65 -2.14 -9.93 -25.83
CA ALA A 65 -3.38 -10.03 -26.63
C ALA A 65 -3.58 -11.33 -27.37
N ASN A 66 -2.69 -11.70 -28.29
CA ASN A 66 -2.93 -12.92 -29.06
C ASN A 66 -2.83 -14.18 -28.25
N HIS A 67 -2.36 -14.02 -27.04
CA HIS A 67 -2.10 -15.16 -26.21
C HIS A 67 -3.17 -15.25 -25.10
N LEU A 68 -4.22 -14.46 -25.20
CA LEU A 68 -5.27 -14.48 -24.23
C LEU A 68 -6.48 -15.27 -24.69
N GLY A 69 -7.08 -15.99 -23.78
CA GLY A 69 -8.36 -16.56 -24.05
C GLY A 69 -9.47 -15.52 -24.11
N PRO A 70 -10.66 -15.98 -24.42
CA PRO A 70 -11.74 -15.04 -24.53
C PRO A 70 -12.04 -14.30 -23.21
N ALA A 71 -12.63 -13.13 -23.32
CA ALA A 71 -13.22 -12.43 -22.18
C ALA A 71 -14.36 -13.22 -21.55
N PRO A 72 -14.68 -12.94 -20.27
CA PRO A 72 -14.00 -12.00 -19.35
C PRO A 72 -12.75 -12.55 -18.55
N GLU A 73 -12.42 -13.83 -18.64
CA GLU A 73 -11.30 -14.31 -17.89
C GLU A 73 -9.97 -13.91 -18.58
N TYR A 74 -9.93 -13.87 -19.91
CA TYR A 74 -8.68 -13.47 -20.60
C TYR A 74 -7.49 -14.28 -20.13
N THR A 75 -7.68 -15.59 -20.08
CA THR A 75 -6.68 -16.47 -19.57
C THR A 75 -5.47 -16.46 -20.47
N ILE A 76 -4.33 -16.22 -19.86
CA ILE A 76 -3.08 -16.25 -20.59
C ILE A 76 -2.69 -17.69 -20.88
N SER A 77 -2.54 -17.99 -22.15
CA SER A 77 -2.12 -19.30 -22.56
C SER A 77 -0.91 -19.77 -21.73
N ALA A 78 -0.99 -20.96 -21.16
CA ALA A 78 0.08 -21.43 -20.27
C ALA A 78 1.46 -21.46 -20.94
N ASP A 79 1.50 -21.71 -22.24
CA ASP A 79 2.77 -21.79 -22.93
C ASP A 79 3.43 -20.43 -22.98
N TRP A 80 2.62 -19.41 -23.19
CA TRP A 80 3.13 -18.05 -23.26
C TRP A 80 3.54 -17.54 -21.88
N LEU A 81 2.69 -17.78 -20.91
CA LEU A 81 3.02 -17.39 -19.54
C LEU A 81 4.33 -18.02 -19.08
N ALA A 82 4.58 -19.27 -19.43
CA ALA A 82 5.78 -19.92 -18.97
C ALA A 82 7.03 -19.39 -19.72
N ARG A 83 6.91 -19.03 -20.97
CA ARG A 83 8.09 -18.55 -21.71
C ARG A 83 8.47 -17.18 -21.21
N VAL A 84 7.48 -16.37 -20.94
CA VAL A 84 7.69 -15.06 -20.32
C VAL A 84 8.44 -15.15 -19.02
N LYS A 85 8.03 -16.14 -18.20
CA LYS A 85 8.70 -16.43 -16.96
C LYS A 85 10.12 -16.87 -17.23
N GLU A 86 10.34 -17.78 -18.19
CA GLU A 86 11.73 -18.12 -18.53
C GLU A 86 12.62 -16.88 -18.86
N VAL A 87 12.06 -15.92 -19.55
CA VAL A 87 12.87 -14.76 -19.92
C VAL A 87 13.17 -13.89 -18.71
N VAL A 88 12.17 -13.72 -17.84
CA VAL A 88 12.34 -12.94 -16.63
C VAL A 88 13.35 -13.69 -15.77
N ASP A 89 13.28 -15.02 -15.79
CA ASP A 89 14.21 -15.79 -14.98
C ASP A 89 15.62 -15.63 -15.46
N TYR A 90 15.84 -15.45 -16.76
CA TYR A 90 17.23 -15.11 -17.19
C TYR A 90 17.80 -13.92 -16.45
N ALA A 91 16.99 -12.89 -16.29
CA ALA A 91 17.47 -11.73 -15.56
C ALA A 91 17.58 -12.00 -14.07
N VAL A 92 16.61 -12.74 -13.51
CA VAL A 92 16.67 -13.11 -12.07
C VAL A 92 17.96 -13.92 -11.85
N ASN A 93 18.27 -14.84 -12.75
CA ASN A 93 19.47 -15.53 -12.62
C ASN A 93 20.65 -14.60 -12.52
N ASP A 94 20.62 -13.40 -13.06
CA ASP A 94 21.80 -12.57 -12.99
C ASP A 94 21.63 -11.38 -12.03
N GLY A 95 20.67 -11.46 -11.13
CA GLY A 95 20.54 -10.44 -10.10
C GLY A 95 20.19 -9.10 -10.63
N MET A 96 19.54 -9.08 -11.79
CA MET A 96 19.21 -7.83 -12.48
C MET A 96 17.94 -7.19 -11.92
N TYR A 97 17.88 -5.89 -12.11
CA TYR A 97 16.65 -5.14 -11.97
C TYR A 97 15.86 -5.36 -13.24
N ILE A 98 14.56 -5.60 -13.08
CA ILE A 98 13.67 -6.00 -14.17
C ILE A 98 12.35 -5.20 -14.23
N ILE A 99 11.96 -4.82 -15.46
CA ILE A 99 10.59 -4.37 -15.72
C ILE A 99 9.90 -5.33 -16.66
N LEU A 100 8.78 -5.88 -16.17
CA LEU A 100 7.80 -6.55 -16.99
C LEU A 100 6.63 -5.63 -17.33
N ASP A 101 6.31 -5.50 -18.60
CA ASP A 101 5.11 -4.74 -18.99
C ASP A 101 4.09 -5.53 -19.76
N THR A 102 2.99 -4.85 -20.08
CA THR A 102 2.16 -5.20 -21.20
C THR A 102 2.52 -4.16 -22.30
N HIS A 103 2.41 -4.56 -23.56
CA HIS A 103 3.02 -3.72 -24.55
C HIS A 103 2.04 -3.33 -25.67
N HIS A 104 2.09 -4.00 -26.82
CA HIS A 104 1.27 -3.57 -27.92
C HIS A 104 -0.15 -4.08 -27.78
N GLU A 105 -0.67 -4.09 -26.57
CA GLU A 105 -2.13 -4.27 -26.32
C GLU A 105 -2.96 -3.18 -27.07
N THR A 106 -2.27 -2.08 -27.35
CA THR A 106 -2.77 -0.95 -28.09
C THR A 106 -3.15 -1.25 -29.52
N ASN A 107 -2.56 -2.30 -30.09
CA ASN A 107 -2.99 -2.84 -31.39
C ASN A 107 -4.28 -3.64 -31.34
N TYR A 108 -4.75 -3.98 -30.15
CA TYR A 108 -5.81 -4.98 -29.97
C TYR A 108 -6.95 -4.40 -29.19
N TRP A 109 -7.00 -4.69 -27.90
CA TRP A 109 -8.08 -4.22 -27.05
C TRP A 109 -7.81 -2.89 -26.37
N LEU A 110 -6.55 -2.50 -26.23
CA LEU A 110 -6.26 -1.27 -25.46
C LEU A 110 -6.37 0.02 -26.31
N LYS A 111 -7.60 0.42 -26.56
CA LYS A 111 -7.96 1.58 -27.36
C LYS A 111 -8.62 2.57 -26.36
N THR A 112 -8.04 3.76 -26.19
CA THR A 112 -8.43 4.63 -25.08
C THR A 112 -9.75 5.37 -25.35
N ASP A 113 -10.85 4.61 -25.40
CA ASP A 113 -12.20 5.18 -25.49
C ASP A 113 -12.80 5.35 -24.12
N PRO A 114 -12.89 6.59 -23.64
CA PRO A 114 -13.41 6.85 -22.28
C PRO A 114 -14.77 6.20 -22.05
N ASN A 115 -15.59 6.13 -23.08
CA ASN A 115 -16.86 5.44 -22.93
C ASN A 115 -16.71 3.99 -22.58
N ASN A 116 -15.56 3.41 -22.82
CA ASN A 116 -15.42 1.98 -22.56
C ASN A 116 -14.52 1.65 -21.34
N GLU A 117 -14.57 2.50 -20.32
CA GLU A 117 -13.64 2.43 -19.19
C GLU A 117 -13.64 1.11 -18.42
N ALA A 118 -14.80 0.53 -18.22
CA ALA A 118 -14.90 -0.62 -17.40
C ALA A 118 -14.29 -1.80 -18.11
N ALA A 119 -14.71 -2.05 -19.34
CA ALA A 119 -14.16 -3.13 -20.14
C ALA A 119 -12.65 -3.07 -20.20
N LEU A 120 -12.11 -1.87 -20.37
CA LEU A 120 -10.66 -1.70 -20.45
C LEU A 120 -9.99 -2.01 -19.10
N CYS A 121 -10.47 -1.34 -18.06
CA CYS A 121 -10.01 -1.63 -16.73
C CYS A 121 -10.11 -3.11 -16.40
N GLU A 122 -11.22 -3.74 -16.71
CA GLU A 122 -11.42 -5.12 -16.31
C GLU A 122 -10.40 -6.00 -17.02
N GLU A 123 -10.08 -5.69 -18.28
CA GLU A 123 -9.17 -6.57 -19.01
C GLU A 123 -7.75 -6.39 -18.45
N LEU A 124 -7.35 -5.16 -18.23
CA LEU A 124 -6.04 -4.89 -17.66
C LEU A 124 -5.87 -5.58 -16.33
N ALA A 125 -6.83 -5.34 -15.46
CA ALA A 125 -6.87 -6.06 -14.19
C ALA A 125 -6.88 -7.59 -14.32
N ALA A 126 -7.66 -8.15 -15.23
CA ALA A 126 -7.64 -9.64 -15.37
C ALA A 126 -6.27 -10.21 -15.84
N ILE A 127 -5.62 -9.50 -16.75
CA ILE A 127 -4.23 -9.83 -17.11
C ILE A 127 -3.22 -9.72 -15.94
N TRP A 128 -3.27 -8.59 -15.28
CA TRP A 128 -2.32 -8.32 -14.24
C TRP A 128 -2.56 -9.17 -12.98
N LYS A 129 -3.80 -9.65 -12.74
CA LYS A 129 -4.02 -10.58 -11.65
C LYS A 129 -3.25 -11.86 -11.93
N GLN A 130 -3.32 -12.35 -13.16
CA GLN A 130 -2.63 -13.58 -13.52
C GLN A 130 -1.13 -13.37 -13.55
N LEU A 131 -0.65 -12.25 -14.11
CA LEU A 131 0.79 -12.02 -14.09
C LEU A 131 1.31 -11.92 -12.67
N ALA A 132 0.58 -11.17 -11.84
CA ALA A 132 1.01 -11.03 -10.47
C ALA A 132 0.96 -12.39 -9.76
N GLU A 133 -0.08 -13.18 -9.95
CA GLU A 133 -0.06 -14.51 -9.34
C GLU A 133 1.21 -15.26 -9.83
N ALA A 134 1.54 -15.19 -11.13
CA ALA A 134 2.74 -15.92 -11.56
C ALA A 134 4.03 -15.43 -10.90
N PHE A 135 4.17 -14.13 -10.65
CA PHE A 135 5.43 -13.62 -10.15
C PHE A 135 5.42 -13.21 -8.68
N LYS A 136 4.44 -13.74 -7.98
CA LYS A 136 4.23 -13.49 -6.58
C LYS A 136 5.50 -13.60 -5.71
N ASP A 137 6.30 -14.63 -5.98
CA ASP A 137 7.42 -14.98 -5.12
C ASP A 137 8.70 -14.30 -5.61
N TYR A 138 8.63 -13.47 -6.64
CA TYR A 138 9.84 -12.80 -7.12
C TYR A 138 10.08 -11.57 -6.24
N ASP A 139 11.34 -11.28 -6.00
CA ASP A 139 11.69 -10.19 -5.11
C ASP A 139 11.52 -8.80 -5.72
N GLU A 140 11.99 -7.79 -5.01
CA GLU A 140 11.64 -6.44 -5.30
C GLU A 140 12.48 -5.88 -6.46
N LYS A 141 13.28 -6.75 -7.08
CA LYS A 141 14.12 -6.29 -8.20
C LYS A 141 13.32 -6.30 -9.46
N LEU A 142 12.24 -7.09 -9.41
CA LEU A 142 11.26 -7.20 -10.47
C LEU A 142 10.14 -6.21 -10.21
N MET A 143 9.95 -5.35 -11.21
CA MET A 143 8.97 -4.31 -11.19
C MET A 143 7.95 -4.55 -12.30
N PHE A 144 6.77 -4.05 -12.10
CA PHE A 144 5.73 -4.12 -13.12
C PHE A 144 5.42 -2.76 -13.68
N GLU A 145 5.27 -2.73 -15.00
CA GLU A 145 4.84 -1.54 -15.71
C GLU A 145 3.55 -1.88 -16.41
N GLY A 146 2.50 -1.27 -15.88
CA GLY A 146 1.15 -1.62 -16.24
C GLY A 146 0.78 -1.62 -17.71
N MET A 147 1.13 -0.53 -18.39
CA MET A 147 0.78 -0.34 -19.80
C MET A 147 1.96 0.26 -20.52
N ASN A 148 2.00 0.07 -21.84
CA ASN A 148 2.94 0.73 -22.73
C ASN A 148 2.28 1.67 -23.74
N GLU A 149 2.58 2.95 -23.59
CA GLU A 149 2.03 3.96 -24.44
C GLU A 149 0.53 3.82 -24.72
N PRO A 150 -0.27 3.77 -23.64
CA PRO A 150 -1.70 3.55 -23.83
C PRO A 150 -2.29 4.76 -24.45
N ARG A 151 -3.05 4.55 -25.52
CA ARG A 151 -3.50 5.60 -26.40
C ARG A 151 -4.56 5.09 -27.39
N MET A 152 -5.02 6.02 -28.23
CA MET A 152 -5.97 5.68 -29.28
C MET A 152 -5.21 5.85 -30.55
N ALA A 153 -4.74 4.69 -31.04
CA ALA A 153 -3.91 4.70 -32.22
C ALA A 153 -4.70 5.31 -33.37
N GLY A 154 -4.07 6.22 -34.12
CA GLY A 154 -4.76 6.80 -35.28
C GLY A 154 -5.43 8.11 -34.94
N SER A 155 -5.52 8.44 -33.67
CA SER A 155 -6.19 9.67 -33.22
C SER A 155 -5.27 10.89 -33.41
N ALA A 156 -5.86 12.07 -33.49
CA ALA A 156 -5.12 13.27 -33.76
C ALA A 156 -4.06 13.49 -32.71
N LYS A 157 -4.37 13.26 -31.44
CA LYS A 157 -3.43 13.50 -30.34
C LYS A 157 -2.78 12.20 -29.81
N GLU A 158 -2.74 11.19 -30.67
CA GLU A 158 -2.12 9.94 -30.34
C GLU A 158 -0.75 10.15 -29.68
N TRP A 159 0.11 10.94 -30.32
CA TRP A 159 1.41 11.18 -29.82
C TRP A 159 1.67 12.52 -29.15
N SER A 160 0.62 13.22 -28.73
CA SER A 160 0.81 14.47 -28.01
C SER A 160 -0.01 14.44 -26.70
N GLY A 161 -0.02 13.29 -26.04
CA GLY A 161 -0.74 13.15 -24.79
C GLY A 161 -2.27 13.03 -24.84
N GLY A 162 -2.88 12.78 -25.99
CA GLY A 162 -4.33 12.54 -26.10
C GLY A 162 -5.22 13.68 -25.66
N THR A 163 -6.43 13.34 -25.23
CA THR A 163 -7.38 14.36 -24.78
C THR A 163 -7.67 14.25 -23.30
N PRO A 164 -8.36 15.27 -22.72
CA PRO A 164 -8.61 15.23 -21.28
C PRO A 164 -9.39 14.02 -20.81
N ALA A 165 -10.45 13.71 -21.52
CA ALA A 165 -11.26 12.54 -21.19
C ALA A 165 -10.37 11.31 -21.21
N GLU A 166 -9.49 11.25 -22.21
CA GLU A 166 -8.60 10.12 -22.31
C GLU A 166 -7.74 10.07 -21.08
N ARG A 167 -7.22 11.20 -20.63
CA ARG A 167 -6.27 11.14 -19.54
C ARG A 167 -6.94 10.75 -18.19
N LYS A 168 -8.20 11.13 -18.03
CA LYS A 168 -8.96 10.68 -16.89
C LYS A 168 -9.02 9.16 -16.98
N LEU A 169 -9.25 8.67 -18.18
CA LEU A 169 -9.35 7.23 -18.38
C LEU A 169 -8.07 6.50 -17.98
N ILE A 170 -6.93 7.10 -18.37
CA ILE A 170 -5.59 6.57 -18.01
C ILE A 170 -5.46 6.50 -16.49
N ASN A 171 -5.92 7.53 -15.77
CA ASN A 171 -5.94 7.44 -14.29
C ASN A 171 -6.75 6.21 -13.82
N ALA A 172 -7.87 5.96 -14.47
CA ALA A 172 -8.71 4.88 -14.03
C ALA A 172 -7.95 3.60 -14.23
N MET A 173 -7.27 3.53 -15.38
CA MET A 173 -6.59 2.28 -15.74
C MET A 173 -5.37 2.07 -14.88
N ASN A 174 -4.66 3.13 -14.59
CA ASN A 174 -3.53 3.02 -13.67
C ASN A 174 -4.04 2.48 -12.35
N LYS A 175 -5.19 3.00 -11.90
CA LYS A 175 -5.68 2.53 -10.58
C LYS A 175 -6.00 1.06 -10.65
N ALA A 176 -6.63 0.65 -11.73
CA ALA A 176 -7.05 -0.73 -11.87
C ALA A 176 -5.86 -1.66 -11.86
N PHE A 177 -4.77 -1.22 -12.52
CA PHE A 177 -3.55 -2.00 -12.57
C PHE A 177 -3.04 -2.25 -11.16
N ILE A 178 -2.85 -1.15 -10.43
CA ILE A 178 -2.34 -1.20 -9.08
C ILE A 178 -3.22 -2.04 -8.20
N ASP A 179 -4.51 -1.76 -8.23
CA ASP A 179 -5.44 -2.50 -7.38
C ASP A 179 -5.34 -4.02 -7.62
N ALA A 180 -5.27 -4.41 -8.89
CA ALA A 180 -5.35 -5.80 -9.19
C ALA A 180 -4.07 -6.52 -8.76
N VAL A 181 -2.93 -5.83 -8.76
CA VAL A 181 -1.69 -6.47 -8.38
C VAL A 181 -1.63 -6.63 -6.88
N ARG A 182 -1.93 -5.54 -6.20
CA ARG A 182 -1.86 -5.49 -4.73
C ARG A 182 -2.78 -6.55 -4.13
N ALA A 183 -3.92 -6.73 -4.74
CA ALA A 183 -4.91 -7.70 -4.28
C ALA A 183 -4.39 -9.08 -4.39
N THR A 184 -3.32 -9.33 -5.12
CA THR A 184 -2.76 -10.70 -5.07
C THR A 184 -1.79 -11.00 -3.91
N GLY A 185 -1.34 -10.00 -3.18
CA GLY A 185 -0.50 -10.21 -2.04
C GLY A 185 0.91 -10.68 -2.34
N GLY A 186 1.45 -11.41 -1.37
CA GLY A 186 2.84 -11.80 -1.35
C GLY A 186 3.76 -10.64 -1.62
N ASN A 187 4.72 -10.86 -2.52
CA ASN A 187 5.72 -9.83 -2.77
C ASN A 187 5.14 -8.74 -3.63
N ASN A 188 3.96 -8.97 -4.19
CA ASN A 188 3.27 -7.89 -4.90
C ASN A 188 2.68 -6.86 -3.97
N ALA A 189 2.64 -7.12 -2.65
CA ALA A 189 2.10 -6.10 -1.73
C ALA A 189 2.82 -4.79 -1.81
N ASP A 190 4.13 -4.89 -1.92
CA ASP A 190 4.97 -3.71 -1.97
C ASP A 190 5.94 -3.61 -3.19
N ARG A 191 5.78 -4.51 -4.16
CA ARG A 191 6.46 -4.41 -5.50
C ARG A 191 6.35 -3.00 -6.11
N VAL A 192 7.45 -2.47 -6.63
CA VAL A 192 7.34 -1.21 -7.38
C VAL A 192 6.44 -1.44 -8.61
N LEU A 193 5.39 -0.63 -8.70
CA LEU A 193 4.47 -0.69 -9.82
C LEU A 193 4.61 0.64 -10.56
N ILE A 194 4.80 0.58 -11.88
CA ILE A 194 5.16 1.70 -12.71
C ILE A 194 4.00 2.06 -13.56
N ILE A 195 3.36 3.18 -13.23
CA ILE A 195 2.23 3.69 -13.99
C ILE A 195 2.75 4.60 -15.13
N CYS A 196 1.86 5.08 -15.97
CA CYS A 196 2.27 5.93 -17.07
C CYS A 196 1.27 7.00 -17.40
N THR A 197 1.71 7.99 -18.18
CA THR A 197 0.81 8.99 -18.74
C THR A 197 0.24 8.46 -20.01
N TYR A 198 -0.72 9.20 -20.57
CA TYR A 198 -1.24 8.88 -21.86
C TYR A 198 -0.06 8.82 -22.86
N GLY A 199 -0.02 7.78 -23.66
CA GLY A 199 1.16 7.59 -24.56
C GLY A 199 2.55 7.60 -23.98
N HIS A 200 2.65 7.54 -22.66
CA HIS A 200 3.94 7.81 -21.98
C HIS A 200 4.47 9.22 -22.36
N ASN A 201 3.57 10.14 -22.68
CA ASN A 201 3.96 11.48 -23.08
C ASN A 201 4.27 12.34 -21.86
N SER A 202 5.16 13.33 -22.04
CA SER A 202 5.64 14.16 -20.93
C SER A 202 5.47 15.66 -21.08
N ASP A 203 4.58 16.05 -21.98
CA ASP A 203 4.13 17.44 -22.13
C ASP A 203 3.33 17.87 -20.89
N GLU A 204 3.46 19.14 -20.57
CA GLU A 204 2.91 19.69 -19.34
C GLU A 204 1.44 19.32 -19.17
N PRO A 205 0.65 19.50 -20.22
CA PRO A 205 -0.75 19.18 -20.03
C PRO A 205 -1.02 17.68 -19.72
N THR A 206 -0.12 16.79 -20.18
CA THR A 206 -0.29 15.39 -19.95
C THR A 206 0.02 15.09 -18.49
N LEU A 207 1.13 15.66 -18.00
CA LEU A 207 1.59 15.42 -16.64
C LEU A 207 0.67 16.12 -15.66
N LYS A 208 0.19 17.27 -16.07
CA LYS A 208 -0.63 18.04 -15.19
C LYS A 208 -1.88 17.23 -14.87
N ASP A 209 -2.40 16.45 -15.81
CA ASP A 209 -3.59 15.63 -15.55
C ASP A 209 -3.32 14.27 -14.89
N LEU A 210 -2.09 14.00 -14.51
CA LEU A 210 -1.78 12.68 -14.02
C LEU A 210 -2.12 12.57 -12.56
N GLU A 211 -3.03 11.68 -12.23
CA GLU A 211 -3.31 11.40 -10.83
C GLU A 211 -2.22 10.56 -10.19
N ILE A 212 -1.82 10.93 -8.99
CA ILE A 212 -0.74 10.26 -8.31
C ILE A 212 -1.33 9.37 -7.26
N PRO A 213 -1.15 8.05 -7.38
CA PRO A 213 -1.76 7.20 -6.36
C PRO A 213 -1.14 7.46 -5.04
N SER A 214 -1.93 7.22 -4.02
CA SER A 214 -1.40 7.38 -2.70
C SER A 214 -0.57 6.13 -2.36
N ASP A 215 -0.69 5.07 -3.14
CA ASP A 215 0.20 3.94 -2.93
C ASP A 215 1.64 4.44 -3.04
N PRO A 216 2.45 4.14 -2.04
CA PRO A 216 3.76 4.70 -1.85
C PRO A 216 4.84 3.95 -2.60
N ASN A 217 4.50 2.78 -3.12
CA ASN A 217 5.44 1.96 -3.89
C ASN A 217 5.17 2.00 -5.38
N ILE A 218 5.00 3.20 -5.90
CA ILE A 218 4.85 3.35 -7.33
C ILE A 218 5.98 4.20 -7.93
N ALA A 219 6.11 4.12 -9.26
CA ALA A 219 6.88 5.11 -9.98
C ALA A 219 6.13 5.49 -11.25
N VAL A 220 6.48 6.67 -11.78
CA VAL A 220 5.84 7.13 -13.00
C VAL A 220 6.78 6.97 -14.19
N ALA A 221 6.29 6.33 -15.22
CA ALA A 221 7.11 6.10 -16.38
C ALA A 221 6.78 7.06 -17.50
N LEU A 222 7.82 7.42 -18.19
CA LEU A 222 7.76 8.24 -19.39
C LEU A 222 8.70 7.70 -20.46
N HIS A 223 8.35 7.96 -21.72
CA HIS A 223 9.26 7.79 -22.86
C HIS A 223 9.64 9.11 -23.53
N THR A 224 10.92 9.31 -23.72
CA THR A 224 11.40 10.56 -24.21
C THR A 224 12.50 10.26 -25.18
N TYR A 225 12.19 10.43 -26.44
CA TYR A 225 13.23 10.13 -27.39
C TYR A 225 13.60 11.52 -27.93
N THR A 226 14.15 12.34 -27.05
CA THR A 226 14.14 13.77 -27.21
C THR A 226 15.50 14.28 -27.61
N PRO A 227 15.56 15.04 -28.70
CA PRO A 227 14.45 15.45 -29.57
C PRO A 227 14.08 14.43 -30.60
N TYR A 228 12.81 14.37 -30.88
CA TYR A 228 12.30 13.46 -31.87
C TYR A 228 13.09 13.50 -33.19
N PHE A 229 13.39 14.70 -33.66
CA PHE A 229 14.07 14.83 -34.97
C PHE A 229 15.54 14.45 -34.99
N PHE A 230 16.13 14.34 -33.82
CA PHE A 230 17.47 13.78 -33.73
C PHE A 230 17.41 12.25 -33.68
N THR A 231 16.48 11.74 -32.91
CA THR A 231 16.39 10.28 -32.64
C THR A 231 15.67 9.52 -33.70
N TYR A 232 14.71 10.15 -34.34
CA TYR A 232 13.99 9.47 -35.39
C TYR A 232 14.41 9.94 -36.80
N VAL A 233 14.08 9.09 -37.76
CA VAL A 233 14.21 9.41 -39.16
C VAL A 233 12.87 9.87 -39.65
N ALA A 234 12.82 11.03 -40.31
CA ALA A 234 11.58 11.69 -40.66
C ALA A 234 11.89 12.98 -41.46
N ASP A 235 10.90 13.54 -42.14
CA ASP A 235 11.05 14.82 -42.81
C ASP A 235 11.30 15.87 -41.76
N GLY A 236 12.50 16.44 -41.77
CA GLY A 236 12.89 17.46 -40.83
C GLY A 236 13.93 16.96 -39.85
N SER A 237 14.33 15.70 -40.00
CA SER A 237 15.12 15.07 -38.96
C SER A 237 16.56 15.41 -39.25
N TYR A 238 17.40 15.31 -38.25
CA TYR A 238 18.79 15.60 -38.44
C TYR A 238 19.62 14.60 -37.66
N SER A 239 20.89 14.52 -38.02
CA SER A 239 21.83 13.58 -37.48
C SER A 239 23.05 14.20 -36.78
N VAL A 240 23.08 15.54 -36.73
CA VAL A 240 24.15 16.30 -36.12
C VAL A 240 23.72 16.65 -34.70
N TRP A 241 24.60 16.41 -33.70
CA TRP A 241 24.32 16.87 -32.36
C TRP A 241 25.40 17.81 -31.93
N ASN A 242 25.11 19.11 -31.96
CA ASN A 242 26.11 20.07 -31.50
C ASN A 242 25.83 20.67 -30.13
N GLY A 243 24.71 20.32 -29.50
CA GLY A 243 24.30 21.00 -28.27
C GLY A 243 23.21 22.04 -28.46
N SER A 244 23.04 22.59 -29.65
CA SER A 244 22.03 23.63 -29.82
C SER A 244 20.61 23.21 -29.46
N LYS A 245 20.30 21.93 -29.49
CA LYS A 245 18.94 21.52 -29.21
C LYS A 245 18.79 20.92 -27.83
N LYS A 246 19.83 20.99 -27.02
CA LYS A 246 19.76 20.61 -25.63
C LYS A 246 18.64 21.27 -24.87
N ASN A 247 18.31 22.49 -25.23
CA ASN A 247 17.19 23.15 -24.55
C ASN A 247 15.93 22.33 -24.71
N ASP A 248 15.84 21.58 -25.78
CA ASP A 248 14.66 20.75 -25.94
C ASP A 248 14.60 19.68 -24.88
N ILE A 249 15.76 19.11 -24.51
CA ILE A 249 15.83 18.10 -23.47
C ILE A 249 15.53 18.80 -22.11
N THR A 250 16.23 19.91 -21.90
CA THR A 250 16.21 20.62 -20.66
C THR A 250 14.79 21.01 -20.32
N TRP A 251 14.11 21.55 -21.30
CA TRP A 251 12.83 22.18 -21.05
C TRP A 251 11.83 21.12 -20.62
N GLN A 252 11.81 20.03 -21.38
CA GLN A 252 10.96 18.93 -21.08
C GLN A 252 11.28 18.39 -19.69
N TYR A 253 12.56 18.23 -19.36
CA TYR A 253 12.93 17.72 -18.06
C TYR A 253 12.45 18.62 -16.93
N ASN A 254 12.41 19.93 -17.16
CA ASN A 254 11.91 20.84 -16.13
C ASN A 254 10.43 20.58 -15.82
N ASN A 255 9.65 20.21 -16.83
CA ASN A 255 8.30 19.76 -16.57
C ASN A 255 8.21 18.51 -15.72
N ILE A 256 9.12 17.59 -15.95
CA ILE A 256 9.08 16.40 -15.20
C ILE A 256 9.55 16.73 -13.80
N LYS A 257 10.55 17.57 -13.66
CA LYS A 257 10.92 17.99 -12.31
C LYS A 257 9.73 18.68 -11.59
N LYS A 258 9.03 19.53 -12.29
CA LYS A 258 8.01 20.30 -11.67
C LYS A 258 6.87 19.42 -11.19
N TYR A 259 6.41 18.49 -12.02
CA TYR A 259 5.22 17.69 -11.74
C TYR A 259 5.52 16.40 -10.99
N LEU A 260 6.75 15.93 -11.06
CA LEU A 260 7.07 14.69 -10.44
C LEU A 260 8.25 14.76 -9.45
N ILE A 261 9.44 15.05 -9.93
CA ILE A 261 10.62 14.83 -9.12
C ILE A 261 10.54 15.74 -7.93
N ASP A 262 10.33 17.02 -8.16
CA ASP A 262 10.25 17.98 -7.06
C ASP A 262 9.11 17.76 -6.10
N LYS A 263 8.15 16.92 -6.44
CA LYS A 263 7.14 16.59 -5.49
C LYS A 263 7.45 15.27 -4.83
N GLY A 264 8.61 14.68 -5.05
CA GLY A 264 8.98 13.43 -4.34
C GLY A 264 8.43 12.18 -4.97
N ILE A 265 8.09 12.29 -6.26
CA ILE A 265 7.52 11.15 -7.00
C ILE A 265 8.58 10.50 -7.84
N PRO A 266 8.88 9.22 -7.63
CA PRO A 266 9.85 8.57 -8.49
C PRO A 266 9.42 8.57 -9.95
N VAL A 267 10.41 8.74 -10.81
CA VAL A 267 10.20 8.75 -12.25
C VAL A 267 11.23 7.86 -12.90
N VAL A 268 10.79 7.13 -13.91
CA VAL A 268 11.65 6.35 -14.74
C VAL A 268 11.30 6.55 -16.20
N ILE A 269 12.34 6.71 -17.01
CA ILE A 269 12.24 6.75 -18.44
C ILE A 269 12.41 5.34 -18.96
N THR A 270 11.30 4.66 -19.23
CA THR A 270 11.36 3.26 -19.54
C THR A 270 11.68 2.97 -20.99
N GLU A 271 11.75 4.02 -21.80
CA GLU A 271 12.36 3.95 -23.13
C GLU A 271 12.97 5.28 -23.54
N THR A 272 14.13 5.18 -24.15
CA THR A 272 14.71 6.29 -24.92
C THR A 272 15.77 5.66 -25.82
N GLY A 273 16.38 6.46 -26.69
CA GLY A 273 17.38 5.97 -27.64
C GLY A 273 17.51 6.86 -28.87
N ALA A 274 18.52 6.58 -29.68
CA ALA A 274 18.71 7.37 -30.92
C ALA A 274 19.00 6.42 -32.05
N GLN A 275 18.18 6.49 -33.08
CA GLN A 275 18.42 5.66 -34.23
C GLN A 275 19.79 5.93 -34.81
N PHE A 276 20.48 4.86 -35.22
CA PHE A 276 21.80 5.02 -35.80
C PHE A 276 21.72 5.57 -37.22
N LYS A 277 22.38 6.72 -37.40
CA LYS A 277 22.42 7.46 -38.66
C LYS A 277 23.87 7.72 -39.06
N GLU A 278 24.72 6.71 -38.94
CA GLU A 278 26.13 6.86 -39.29
C GLU A 278 26.73 8.05 -38.63
N ASN A 279 26.51 8.18 -37.34
CA ASN A 279 26.83 9.42 -36.66
C ASN A 279 27.23 9.19 -35.21
N THR A 280 28.05 8.17 -35.01
CA THR A 280 28.50 7.78 -33.66
C THR A 280 28.80 8.96 -32.76
N GLU A 281 29.57 9.90 -33.27
CA GLU A 281 30.13 10.92 -32.42
C GLU A 281 28.99 11.82 -31.89
N ASP A 282 28.00 12.06 -32.72
CA ASP A 282 26.85 12.84 -32.37
C ASP A 282 25.98 12.13 -31.32
N ILE A 283 25.73 10.83 -31.52
CA ILE A 283 24.93 10.08 -30.53
C ILE A 283 25.62 10.14 -29.16
N VAL A 284 26.94 9.89 -29.18
CA VAL A 284 27.75 9.96 -27.97
C VAL A 284 27.51 11.29 -27.33
N ARG A 285 27.56 12.39 -28.08
CA ARG A 285 27.34 13.68 -27.42
C ARG A 285 25.89 13.85 -26.88
N TRP A 286 24.92 13.44 -27.70
CA TRP A 286 23.50 13.48 -27.33
C TRP A 286 23.28 12.68 -26.04
N ILE A 287 23.93 11.54 -25.93
CA ILE A 287 23.87 10.79 -24.71
C ILE A 287 24.38 11.59 -23.51
N GLY A 288 25.48 12.32 -23.71
CA GLY A 288 26.08 13.11 -22.61
C GLY A 288 25.07 14.10 -22.11
N ASP A 289 24.35 14.68 -23.06
CA ASP A 289 23.43 15.73 -22.73
C ASP A 289 22.15 15.18 -22.13
N TYR A 290 21.68 14.12 -22.77
CA TYR A 290 20.37 13.59 -22.46
C TYR A 290 20.40 12.85 -21.10
N VAL A 291 21.29 11.89 -21.02
CA VAL A 291 21.45 11.13 -19.83
C VAL A 291 22.03 11.93 -18.65
N GLY A 292 22.97 12.81 -18.96
CA GLY A 292 23.50 13.74 -17.99
C GLY A 292 22.42 14.58 -17.33
N THR A 293 21.44 14.96 -18.11
CA THR A 293 20.30 15.67 -17.55
C THR A 293 19.59 14.83 -16.51
N LEU A 294 19.30 13.58 -16.87
CA LEU A 294 18.56 12.66 -15.98
C LEU A 294 19.36 12.43 -14.76
N ASP A 295 20.67 12.29 -14.95
CA ASP A 295 21.57 12.06 -13.84
C ASP A 295 21.55 13.19 -12.80
N GLN A 296 21.17 14.38 -13.18
CA GLN A 296 21.13 15.43 -12.18
C GLN A 296 20.26 15.11 -11.03
N ASP A 297 19.18 14.37 -11.25
CA ASP A 297 18.33 13.99 -10.13
C ASP A 297 18.27 12.50 -9.91
N GLY A 298 19.22 11.74 -10.41
CA GLY A 298 19.22 10.33 -10.16
C GLY A 298 18.18 9.54 -10.91
N VAL A 299 17.54 10.16 -11.90
CA VAL A 299 16.59 9.49 -12.78
C VAL A 299 17.24 8.46 -13.73
N LYS A 300 16.69 7.23 -13.74
CA LYS A 300 17.16 6.16 -14.61
C LYS A 300 16.42 6.01 -15.90
N CYS A 301 17.14 5.52 -16.89
CA CYS A 301 16.50 5.28 -18.13
C CYS A 301 16.81 3.88 -18.65
N PHE A 302 15.94 3.38 -19.49
CA PHE A 302 16.13 2.12 -20.17
C PHE A 302 16.17 2.42 -21.67
N ILE A 303 17.15 1.87 -22.37
CA ILE A 303 17.36 2.19 -23.80
C ILE A 303 16.67 1.16 -24.68
N TRP A 304 15.97 1.61 -25.72
CA TRP A 304 15.27 0.75 -26.63
C TRP A 304 16.25 0.06 -27.57
N ASP A 305 16.23 -1.27 -27.62
CA ASP A 305 17.15 -2.00 -28.50
C ASP A 305 16.32 -3.03 -29.21
N ASN A 306 16.17 -2.84 -30.50
CA ASN A 306 15.30 -3.74 -31.29
C ASN A 306 16.18 -4.64 -32.11
N ASN A 307 17.48 -4.62 -31.83
CA ASN A 307 18.42 -5.40 -32.62
C ASN A 307 18.43 -5.06 -34.11
N ILE A 308 18.05 -3.85 -34.50
CA ILE A 308 18.11 -3.44 -35.93
C ILE A 308 19.22 -2.39 -36.11
N TYR A 309 20.20 -2.69 -36.95
CA TYR A 309 21.39 -1.80 -37.11
C TYR A 309 21.90 -1.71 -38.53
N HIS A 310 22.12 -2.84 -39.19
CA HIS A 310 22.49 -2.86 -40.61
C HIS A 310 21.24 -2.95 -41.50
N GLY A 311 20.26 -3.75 -41.10
CA GLY A 311 19.07 -3.94 -41.89
C GLY A 311 18.32 -2.63 -41.96
N ASN A 312 17.20 -2.69 -42.64
CA ASN A 312 16.24 -1.61 -42.71
C ASN A 312 15.31 -1.67 -41.50
N GLY A 313 14.63 -0.55 -41.25
CA GLY A 313 13.85 -0.36 -40.04
C GLY A 313 14.58 0.63 -39.14
N GLU A 314 13.96 0.96 -38.01
CA GLU A 314 14.46 1.95 -37.12
C GLU A 314 15.66 1.33 -36.44
N LYS A 315 16.81 2.01 -36.54
CA LYS A 315 18.10 1.45 -36.21
C LYS A 315 18.52 1.70 -34.76
N PHE A 316 17.68 1.20 -33.84
CA PHE A 316 17.93 1.30 -32.41
C PHE A 316 18.79 0.17 -31.85
N GLY A 317 19.16 -0.76 -32.71
CA GLY A 317 19.94 -1.92 -32.27
C GLY A 317 21.27 -1.54 -31.68
N LEU A 318 21.66 -2.24 -30.62
CA LEU A 318 22.92 -2.01 -29.92
C LEU A 318 23.63 -3.28 -29.74
N LEU A 319 22.92 -4.27 -29.21
CA LEU A 319 23.50 -5.62 -29.09
C LEU A 319 23.22 -6.48 -30.32
N ASN A 320 24.25 -6.91 -31.03
CA ASN A 320 24.03 -7.91 -32.05
C ASN A 320 23.80 -9.25 -31.38
N ARG A 321 22.55 -9.68 -31.36
CA ARG A 321 22.15 -10.79 -30.50
C ARG A 321 22.70 -12.13 -30.94
N SER A 322 22.78 -12.31 -32.23
CA SER A 322 23.31 -13.54 -32.78
C SER A 322 24.82 -13.68 -32.56
N LEU A 323 25.54 -12.56 -32.51
CA LEU A 323 26.94 -12.68 -32.30
C LEU A 323 27.34 -12.40 -30.89
N LEU A 324 26.41 -11.94 -30.07
CA LEU A 324 26.77 -11.54 -28.70
C LEU A 324 27.88 -10.52 -28.74
N LYS A 325 27.80 -9.61 -29.70
CA LYS A 325 28.77 -8.49 -29.89
C LYS A 325 27.94 -7.22 -30.02
N TRP A 326 28.48 -6.10 -29.56
CA TRP A 326 27.76 -4.85 -29.62
C TRP A 326 28.02 -4.29 -30.97
N TYR A 327 26.99 -3.77 -31.61
CA TYR A 327 27.14 -3.13 -32.92
C TYR A 327 27.98 -1.86 -32.90
N ASN A 328 28.02 -1.16 -31.78
CA ASN A 328 28.74 0.08 -31.68
C ASN A 328 29.18 0.35 -30.26
N ASP A 329 30.46 0.12 -30.01
CA ASP A 329 31.01 0.16 -28.68
C ASP A 329 31.09 1.53 -28.12
N ASP A 330 31.27 2.49 -29.01
CA ASP A 330 31.37 3.87 -28.60
C ASP A 330 30.07 4.39 -28.03
N ILE A 331 28.96 4.05 -28.71
CA ILE A 331 27.64 4.48 -28.27
C ILE A 331 27.33 3.79 -26.94
N VAL A 332 27.54 2.50 -26.92
CA VAL A 332 27.35 1.69 -25.74
C VAL A 332 28.16 2.18 -24.57
N ASP A 333 29.42 2.54 -24.80
CA ASP A 333 30.30 2.98 -23.73
C ASP A 333 29.71 4.20 -23.09
N ALA A 334 29.26 5.12 -23.93
CA ALA A 334 28.68 6.36 -23.39
C ALA A 334 27.47 6.06 -22.50
N TYR A 335 26.69 5.04 -22.86
CA TYR A 335 25.48 4.73 -22.06
C TYR A 335 25.94 4.10 -20.73
N VAL A 336 26.65 2.99 -20.80
CA VAL A 336 27.04 2.31 -19.54
C VAL A 336 27.94 3.09 -18.59
N ASN A 337 28.75 3.96 -19.17
CA ASN A 337 29.65 4.79 -18.36
C ASN A 337 29.13 6.18 -18.09
N HIS A 338 27.82 6.39 -18.18
CA HIS A 338 27.28 7.72 -18.00
C HIS A 338 27.57 8.38 -16.64
N ALA A 339 27.82 7.64 -15.58
CA ALA A 339 27.93 8.23 -14.24
C ALA A 339 29.26 8.91 -13.89
N ASP B 1 -1.12 11.19 0.87
CA ASP B 1 -2.60 11.37 0.91
C ASP B 1 -3.35 10.24 1.59
N ARG B 2 -3.70 10.49 2.83
CA ARG B 2 -4.34 9.45 3.63
C ARG B 2 -5.83 9.67 3.62
N SER B 3 -6.31 10.44 2.66
CA SER B 3 -7.69 10.89 2.73
C SER B 3 -8.72 9.75 2.73
N ARG B 4 -8.41 8.66 2.06
CA ARG B 4 -9.35 7.55 2.06
C ARG B 4 -9.67 7.07 3.50
N VAL B 5 -8.67 7.07 4.38
CA VAL B 5 -8.91 6.66 5.77
C VAL B 5 -9.83 7.65 6.50
N PHE B 6 -9.52 8.93 6.38
CA PHE B 6 -10.37 9.98 6.89
C PHE B 6 -11.85 9.77 6.42
N ASP B 7 -12.03 9.44 5.15
CA ASP B 7 -13.37 9.31 4.63
C ASP B 7 -14.10 8.17 5.29
N ILE B 8 -13.42 7.06 5.36
CA ILE B 8 -13.98 5.90 6.04
C ILE B 8 -14.37 6.28 7.47
N LEU B 9 -13.43 6.87 8.20
CA LEU B 9 -13.65 7.10 9.62
C LEU B 9 -14.76 8.12 9.84
N SER B 10 -14.89 9.09 8.95
CA SER B 10 -15.92 10.13 9.09
C SER B 10 -17.30 9.56 9.11
N ASN B 11 -17.47 8.34 8.70
CA ASN B 11 -18.78 7.77 8.76
C ASN B 11 -19.18 7.29 10.14
N ILE B 12 -18.28 7.30 11.09
CA ILE B 12 -18.59 6.77 12.38
C ILE B 12 -19.23 7.85 13.22
N ASN B 13 -20.31 7.52 13.91
CA ASN B 13 -20.82 8.48 14.91
C ASN B 13 -19.90 8.37 16.12
N ILE B 14 -19.90 7.21 16.75
CA ILE B 14 -19.03 6.94 17.89
C ILE B 14 -19.08 5.46 18.16
N GLY B 15 -18.03 4.93 18.78
CA GLY B 15 -17.84 3.48 18.85
C GLY B 15 -18.02 2.90 20.25
N TRP B 16 -18.14 1.58 20.29
CA TRP B 16 -18.38 0.86 21.47
C TRP B 16 -17.52 -0.43 21.48
N ASN B 17 -16.91 -0.74 22.64
CA ASN B 17 -16.10 -1.94 22.85
C ASN B 17 -16.88 -3.04 23.53
N LEU B 18 -16.85 -4.21 22.92
CA LEU B 18 -17.39 -5.42 23.48
C LEU B 18 -16.38 -5.97 24.52
N GLY B 19 -16.30 -5.31 25.68
CA GLY B 19 -15.27 -5.62 26.65
C GLY B 19 -15.42 -6.83 27.56
N ASN B 20 -14.28 -7.35 27.97
CA ASN B 20 -14.19 -8.49 28.88
C ASN B 20 -14.96 -9.69 28.34
N THR B 21 -14.77 -9.96 27.05
CA THR B 21 -15.60 -10.89 26.32
C THR B 21 -14.69 -11.82 25.55
N LEU B 22 -14.39 -11.52 24.28
CA LEU B 22 -13.46 -12.37 23.53
C LEU B 22 -12.05 -12.14 23.98
N ASP B 23 -11.86 -11.03 24.69
CA ASP B 23 -10.60 -10.69 25.30
C ASP B 23 -10.36 -11.42 26.59
N ALA B 24 -11.41 -12.00 27.21
CA ALA B 24 -11.21 -12.75 28.46
C ALA B 24 -10.30 -13.95 28.25
N THR B 25 -9.59 -14.33 29.32
CA THR B 25 -8.52 -15.29 29.25
C THR B 25 -8.73 -16.58 30.00
N GLY B 26 -9.85 -16.76 30.71
CA GLY B 26 -10.20 -18.08 31.35
C GLY B 26 -10.55 -19.13 30.24
N GLY B 27 -10.85 -20.37 30.63
CA GLY B 27 -11.38 -21.38 29.73
C GLY B 27 -10.35 -22.09 28.86
N GLY B 28 -9.12 -21.61 28.85
CA GLY B 28 -8.07 -22.27 28.10
C GLY B 28 -8.44 -22.21 26.63
N ASN B 29 -8.20 -23.32 25.95
CA ASN B 29 -8.29 -23.39 24.55
C ASN B 29 -9.68 -23.86 24.25
N SER B 30 -10.63 -22.96 24.44
CA SER B 30 -12.04 -23.27 24.28
C SER B 30 -12.87 -22.00 24.01
N VAL B 31 -14.03 -22.17 23.39
CA VAL B 31 -14.90 -21.00 23.16
C VAL B 31 -15.55 -20.40 24.43
N ASN B 32 -15.46 -21.13 25.53
CA ASN B 32 -15.94 -20.66 26.82
C ASN B 32 -15.10 -19.57 27.38
N ALA B 33 -13.96 -19.25 26.75
CA ALA B 33 -13.20 -18.05 27.21
C ALA B 33 -14.11 -16.84 27.23
N GLU B 34 -15.02 -16.80 26.26
CA GLU B 34 -15.87 -15.66 26.04
C GLU B 34 -16.65 -15.25 27.28
N THR B 35 -17.07 -16.24 28.05
CA THR B 35 -17.90 -16.08 29.25
C THR B 35 -17.11 -16.20 30.55
N SER B 36 -15.84 -16.54 30.43
CA SER B 36 -14.98 -16.78 31.58
C SER B 36 -14.89 -15.55 32.50
N TRP B 37 -15.17 -14.33 32.06
CA TRP B 37 -15.07 -13.20 33.01
C TRP B 37 -16.47 -12.76 33.41
N GLY B 38 -17.42 -13.69 33.33
CA GLY B 38 -18.75 -13.46 33.81
C GLY B 38 -19.71 -12.74 32.86
N ASN B 39 -19.30 -12.48 31.63
CA ASN B 39 -20.26 -11.95 30.65
C ASN B 39 -20.96 -13.03 29.89
N PRO B 40 -22.14 -12.71 29.46
CA PRO B 40 -22.89 -13.70 28.71
C PRO B 40 -22.39 -13.77 27.27
N LYS B 41 -22.78 -14.85 26.62
CA LYS B 41 -22.38 -15.12 25.28
C LYS B 41 -22.97 -14.07 24.36
N THR B 42 -22.07 -13.45 23.58
CA THR B 42 -22.49 -12.35 22.68
C THR B 42 -23.55 -12.85 21.69
N THR B 43 -24.58 -12.03 21.43
CA THR B 43 -25.64 -12.41 20.46
C THR B 43 -25.82 -11.31 19.45
N GLN B 44 -26.46 -11.66 18.34
CA GLN B 44 -26.88 -10.65 17.34
C GLN B 44 -27.66 -9.49 17.97
N GLU B 45 -28.58 -9.81 18.86
CA GLU B 45 -29.41 -8.84 19.59
C GLU B 45 -28.62 -7.82 20.39
N ILE B 46 -27.60 -8.29 21.10
CA ILE B 46 -26.69 -7.41 21.84
C ILE B 46 -26.07 -6.42 20.87
N VAL B 47 -25.61 -6.90 19.72
CA VAL B 47 -24.93 -5.97 18.79
C VAL B 47 -25.89 -4.96 18.20
N ASP B 48 -27.04 -5.48 17.79
CA ASP B 48 -28.18 -4.69 17.27
C ASP B 48 -28.41 -3.50 18.18
N THR B 49 -28.37 -3.75 19.48
CA THR B 49 -28.83 -2.80 20.49
C THR B 49 -27.84 -1.70 20.60
N VAL B 50 -26.56 -2.05 20.51
CA VAL B 50 -25.49 -1.05 20.50
C VAL B 50 -25.68 -0.14 19.29
N ASN B 51 -25.81 -0.76 18.12
CA ASN B 51 -25.94 -0.07 16.85
C ASN B 51 -27.19 0.76 16.87
N ASP B 52 -28.31 0.18 17.30
CA ASP B 52 -29.58 0.94 17.42
C ASP B 52 -29.49 2.16 18.29
N ARG B 53 -28.67 2.10 19.31
CA ARG B 53 -28.59 3.21 20.20
C ARG B 53 -27.85 4.35 19.51
N GLY B 54 -27.10 4.02 18.47
CA GLY B 54 -26.26 5.01 17.82
C GLY B 54 -24.77 4.78 17.85
N PHE B 55 -24.35 3.64 18.40
CA PHE B 55 -22.94 3.26 18.27
C PHE B 55 -22.81 2.47 17.00
N ASN B 56 -22.53 3.16 15.92
CA ASN B 56 -22.48 2.45 14.68
C ASN B 56 -21.15 1.85 14.41
N ALA B 57 -20.23 1.99 15.34
CA ALA B 57 -18.95 1.31 15.27
C ALA B 57 -18.72 0.48 16.53
N ILE B 58 -18.12 -0.68 16.31
CA ILE B 58 -17.85 -1.61 17.37
C ILE B 58 -16.46 -2.16 17.29
N ARG B 59 -15.73 -2.08 18.42
CA ARG B 59 -14.50 -2.80 18.63
C ARG B 59 -14.74 -4.12 19.34
N ILE B 60 -14.13 -5.14 18.74
CA ILE B 60 -14.25 -6.51 19.21
C ILE B 60 -12.82 -6.92 19.68
N PRO B 61 -12.53 -6.73 20.98
CA PRO B 61 -11.24 -7.11 21.48
C PRO B 61 -11.20 -8.62 21.65
N VAL B 62 -10.12 -9.19 21.16
CA VAL B 62 -9.97 -10.67 21.24
C VAL B 62 -8.60 -10.99 21.76
N THR B 63 -8.55 -11.89 22.71
CA THR B 63 -7.28 -12.44 23.06
C THR B 63 -7.14 -13.85 22.50
N PHE B 64 -6.04 -14.06 21.77
CA PHE B 64 -5.82 -15.26 20.97
C PHE B 64 -4.98 -16.32 21.64
N ALA B 65 -3.97 -15.86 22.41
CA ALA B 65 -2.93 -16.68 23.07
C ALA B 65 -3.35 -18.08 23.43
N ASN B 66 -4.31 -18.24 24.34
CA ASN B 66 -4.69 -19.60 24.74
C ASN B 66 -5.32 -20.43 23.66
N HIS B 67 -5.66 -19.76 22.56
CA HIS B 67 -6.28 -20.45 21.51
C HIS B 67 -5.26 -20.76 20.40
N LEU B 68 -3.97 -20.58 20.63
CA LEU B 68 -3.06 -20.81 19.55
C LEU B 68 -2.31 -22.10 19.78
N GLY B 69 -1.98 -22.76 18.69
CA GLY B 69 -1.09 -23.86 18.71
C GLY B 69 0.35 -23.47 19.02
N PRO B 70 1.18 -24.48 19.10
CA PRO B 70 2.57 -24.24 19.35
C PRO B 70 3.17 -23.40 18.23
N ALA B 71 4.21 -22.67 18.58
CA ALA B 71 5.07 -22.01 17.60
C ALA B 71 5.78 -23.01 16.72
N PRO B 72 6.19 -22.58 15.52
CA PRO B 72 6.09 -21.25 14.91
C PRO B 72 4.80 -20.95 14.08
N GLU B 73 3.94 -21.92 13.86
CA GLU B 73 2.75 -21.67 13.11
C GLU B 73 1.71 -20.90 13.97
N TYR B 74 1.61 -21.23 15.25
CA TYR B 74 0.64 -20.55 16.12
C TYR B 74 -0.76 -20.61 15.53
N THR B 75 -1.16 -21.82 15.12
CA THR B 75 -2.41 -21.99 14.43
C THR B 75 -3.54 -21.66 15.38
N ILE B 76 -4.40 -20.77 14.93
CA ILE B 76 -5.60 -20.46 15.71
C ILE B 76 -6.54 -21.65 15.64
N SER B 77 -6.93 -22.09 16.81
CA SER B 77 -7.84 -23.20 16.91
C SER B 77 -9.10 -22.84 16.14
N ALA B 78 -9.64 -23.79 15.41
CA ALA B 78 -10.65 -23.46 14.47
C ALA B 78 -11.95 -23.01 15.12
N ASP B 79 -12.23 -23.58 16.30
CA ASP B 79 -13.45 -23.32 16.97
C ASP B 79 -13.46 -21.84 17.38
N TRP B 80 -12.30 -21.38 17.82
CA TRP B 80 -12.12 -19.95 18.18
C TRP B 80 -12.19 -19.01 17.00
N LEU B 81 -11.53 -19.39 15.92
CA LEU B 81 -11.53 -18.53 14.74
C LEU B 81 -12.96 -18.41 14.27
N ALA B 82 -13.69 -19.51 14.25
CA ALA B 82 -15.06 -19.40 13.77
C ALA B 82 -15.96 -18.56 14.68
N ARG B 83 -15.71 -18.55 15.97
CA ARG B 83 -16.60 -17.81 16.88
C ARG B 83 -16.33 -16.33 16.79
N VAL B 84 -15.05 -16.01 16.64
CA VAL B 84 -14.65 -14.64 16.45
C VAL B 84 -15.34 -14.12 15.21
N LYS B 85 -15.36 -14.95 14.15
CA LYS B 85 -15.99 -14.60 12.91
C LYS B 85 -17.48 -14.36 13.05
N GLU B 86 -18.16 -15.22 13.81
CA GLU B 86 -19.57 -14.98 14.11
C GLU B 86 -19.84 -13.64 14.76
N VAL B 87 -18.96 -13.26 15.68
CA VAL B 87 -19.15 -12.02 16.40
C VAL B 87 -18.95 -10.86 15.45
N VAL B 88 -17.91 -10.95 14.62
CA VAL B 88 -17.69 -9.89 13.63
C VAL B 88 -18.90 -9.86 12.71
N ASP B 89 -19.47 -11.02 12.44
CA ASP B 89 -20.55 -11.14 11.52
C ASP B 89 -21.79 -10.46 12.06
N TYR B 90 -22.04 -10.54 13.36
CA TYR B 90 -23.13 -9.72 13.91
C TYR B 90 -23.04 -8.28 13.48
N ALA B 91 -21.85 -7.73 13.57
CA ALA B 91 -21.68 -6.34 13.21
C ALA B 91 -21.85 -6.11 11.71
N VAL B 92 -21.31 -7.04 10.91
CA VAL B 92 -21.42 -6.96 9.46
C VAL B 92 -22.89 -7.01 9.08
N ASN B 93 -23.64 -7.92 9.70
CA ASN B 93 -25.03 -7.95 9.50
C ASN B 93 -25.73 -6.62 9.69
N ASP B 94 -25.19 -5.71 10.49
CA ASP B 94 -25.87 -4.48 10.71
C ASP B 94 -25.14 -3.34 10.07
N GLY B 95 -24.22 -3.63 9.14
CA GLY B 95 -23.58 -2.54 8.43
C GLY B 95 -22.70 -1.67 9.28
N MET B 96 -22.23 -2.22 10.40
CA MET B 96 -21.41 -1.40 11.30
C MET B 96 -19.96 -1.31 10.83
N TYR B 97 -19.31 -0.22 11.26
CA TYR B 97 -17.86 -0.10 11.25
C TYR B 97 -17.33 -0.98 12.39
N ILE B 98 -16.23 -1.65 12.12
CA ILE B 98 -15.72 -2.70 12.99
C ILE B 98 -14.20 -2.60 13.14
N ILE B 99 -13.75 -2.71 14.40
CA ILE B 99 -12.35 -3.00 14.73
C ILE B 99 -12.23 -4.38 15.36
N LEU B 100 -11.41 -5.21 14.73
CA LEU B 100 -10.87 -6.41 15.32
C LEU B 100 -9.41 -6.20 15.80
N ASP B 101 -9.13 -6.58 17.03
CA ASP B 101 -7.74 -6.50 17.52
C ASP B 101 -7.24 -7.83 17.98
N THR B 102 -5.99 -7.82 18.44
CA THR B 102 -5.51 -8.80 19.38
C THR B 102 -5.40 -8.05 20.71
N HIS B 103 -5.60 -8.75 21.82
CA HIS B 103 -5.82 -7.96 23.02
C HIS B 103 -4.83 -8.32 24.12
N HIS B 104 -5.21 -9.16 25.05
CA HIS B 104 -4.34 -9.38 26.19
C HIS B 104 -3.27 -10.39 25.87
N GLU B 105 -2.69 -10.31 24.68
CA GLU B 105 -1.51 -11.11 24.31
C GLU B 105 -0.35 -10.75 25.24
N THR B 106 -0.47 -9.54 25.81
CA THR B 106 0.51 -9.00 26.74
C THR B 106 0.64 -9.74 28.05
N ASN B 107 -0.36 -10.54 28.38
CA ASN B 107 -0.31 -11.48 29.51
C ASN B 107 0.49 -12.73 29.17
N TYR B 108 0.73 -12.96 27.88
CA TYR B 108 1.31 -14.26 27.43
C TYR B 108 2.60 -13.98 26.70
N TRP B 109 2.56 -13.87 25.39
CA TRP B 109 3.76 -13.81 24.57
C TRP B 109 4.22 -12.40 24.25
N LEU B 110 3.32 -11.45 24.38
CA LEU B 110 3.64 -10.10 23.94
C LEU B 110 4.25 -9.26 25.05
N LYS B 111 5.52 -9.53 25.31
CA LYS B 111 6.32 -8.86 26.31
C LYS B 111 7.35 -8.05 25.56
N THR B 112 7.33 -6.73 25.71
CA THR B 112 8.18 -5.86 24.88
C THR B 112 9.66 -5.85 25.26
N ASP B 113 10.31 -7.01 25.16
CA ASP B 113 11.78 -7.12 25.30
C ASP B 113 12.44 -6.92 23.98
N PRO B 114 13.10 -5.80 23.79
CA PRO B 114 13.75 -5.47 22.52
C PRO B 114 14.70 -6.53 22.01
N ASN B 115 15.33 -7.27 22.89
CA ASN B 115 16.21 -8.35 22.39
C ASN B 115 15.44 -9.49 21.83
N ASN B 116 14.15 -9.49 21.98
CA ASN B 116 13.40 -10.62 21.48
C ASN B 116 12.53 -10.23 20.27
N GLU B 117 12.94 -9.19 19.56
CA GLU B 117 12.15 -8.59 18.49
C GLU B 117 11.63 -9.55 17.43
N ALA B 118 12.48 -10.41 16.93
CA ALA B 118 12.07 -11.28 15.85
C ALA B 118 11.03 -12.29 16.26
N ALA B 119 11.19 -12.91 17.43
CA ALA B 119 10.18 -13.87 17.90
C ALA B 119 8.81 -13.24 18.02
N LEU B 120 8.79 -11.98 18.47
CA LEU B 120 7.55 -11.23 18.67
C LEU B 120 6.91 -10.82 17.36
N CYS B 121 7.71 -10.24 16.48
CA CYS B 121 7.23 -9.95 15.16
C CYS B 121 6.72 -11.20 14.47
N GLU B 122 7.46 -12.29 14.55
CA GLU B 122 7.07 -13.48 13.81
C GLU B 122 5.75 -13.97 14.34
N GLU B 123 5.55 -13.85 15.66
CA GLU B 123 4.31 -14.36 16.23
C GLU B 123 3.15 -13.46 15.85
N LEU B 124 3.32 -12.15 15.95
CA LEU B 124 2.26 -11.20 15.54
C LEU B 124 1.85 -11.45 14.12
N ALA B 125 2.85 -11.50 13.25
CA ALA B 125 2.62 -11.82 11.83
C ALA B 125 1.95 -13.20 11.61
N ALA B 126 2.36 -14.24 12.29
CA ALA B 126 1.69 -15.54 12.03
C ALA B 126 0.21 -15.50 12.43
N ILE B 127 -0.12 -14.75 13.48
CA ILE B 127 -1.53 -14.58 13.87
C ILE B 127 -2.35 -13.75 12.87
N TRP B 128 -1.75 -12.66 12.45
CA TRP B 128 -2.41 -11.75 11.56
C TRP B 128 -2.58 -12.26 10.17
N LYS B 129 -1.60 -13.03 9.69
CA LYS B 129 -1.78 -13.75 8.41
C LYS B 129 -3.04 -14.60 8.43
N GLN B 130 -3.17 -15.42 9.46
CA GLN B 130 -4.39 -16.24 9.59
C GLN B 130 -5.65 -15.40 9.75
N LEU B 131 -5.58 -14.32 10.54
CA LEU B 131 -6.77 -13.48 10.70
C LEU B 131 -7.13 -12.82 9.39
N ALA B 132 -6.13 -12.25 8.74
CA ALA B 132 -6.34 -11.61 7.48
C ALA B 132 -6.89 -12.64 6.44
N GLU B 133 -6.35 -13.84 6.38
CA GLU B 133 -6.89 -14.78 5.39
C GLU B 133 -8.38 -15.01 5.71
N ALA B 134 -8.70 -15.26 6.99
CA ALA B 134 -10.08 -15.51 7.32
C ALA B 134 -11.04 -14.39 6.93
N PHE B 135 -10.61 -13.13 6.97
CA PHE B 135 -11.50 -12.02 6.72
C PHE B 135 -11.22 -11.29 5.40
N LYS B 136 -10.58 -11.98 4.47
CA LYS B 136 -10.03 -11.31 3.35
C LYS B 136 -11.13 -10.72 2.46
N ASP B 137 -12.29 -11.33 2.54
CA ASP B 137 -13.39 -10.97 1.72
C ASP B 137 -14.31 -9.96 2.41
N TYR B 138 -13.95 -9.48 3.59
CA TYR B 138 -14.77 -8.51 4.30
C TYR B 138 -14.48 -7.10 3.75
N ASP B 139 -15.50 -6.26 3.65
CA ASP B 139 -15.32 -4.93 3.13
C ASP B 139 -14.55 -3.95 4.04
N GLU B 140 -14.56 -2.71 3.63
CA GLU B 140 -13.67 -1.73 4.19
C GLU B 140 -14.19 -1.22 5.53
N LYS B 141 -15.36 -1.67 5.91
CA LYS B 141 -15.94 -1.24 7.15
C LYS B 141 -15.28 -1.97 8.32
N LEU B 142 -14.68 -3.12 8.03
CA LEU B 142 -13.86 -3.89 8.99
C LEU B 142 -12.41 -3.41 8.94
N MET B 143 -11.93 -2.98 10.11
CA MET B 143 -10.55 -2.52 10.31
C MET B 143 -9.84 -3.46 11.29
N PHE B 144 -8.54 -3.50 11.15
CA PHE B 144 -7.72 -4.34 12.03
C PHE B 144 -6.89 -3.40 12.88
N GLU B 145 -6.87 -3.70 14.19
CA GLU B 145 -5.96 -3.03 15.12
C GLU B 145 -4.97 -4.09 15.62
N GLY B 146 -3.75 -3.99 15.15
CA GLY B 146 -2.77 -5.05 15.33
C GLY B 146 -2.50 -5.48 16.77
N MET B 147 -2.24 -4.51 17.64
CA MET B 147 -2.01 -4.78 19.06
C MET B 147 -2.85 -3.96 19.98
N ASN B 148 -2.97 -4.45 21.21
CA ASN B 148 -3.60 -3.72 22.30
C ASN B 148 -2.67 -3.49 23.49
N GLU B 149 -2.32 -2.22 23.66
CA GLU B 149 -1.45 -1.72 24.69
C GLU B 149 -0.20 -2.55 24.89
N PRO B 150 0.58 -2.72 23.80
CA PRO B 150 1.76 -3.53 23.83
C PRO B 150 2.78 -2.90 24.73
N ARG B 151 3.34 -3.68 25.65
CA ARG B 151 4.16 -3.17 26.72
C ARG B 151 4.87 -4.28 27.48
N MET B 152 5.63 -3.87 28.49
CA MET B 152 6.20 -4.85 29.40
C MET B 152 5.52 -4.71 30.76
N ALA B 153 4.54 -5.60 30.93
CA ALA B 153 3.77 -5.68 32.14
C ALA B 153 4.70 -5.74 33.35
N GLY B 154 4.44 -4.88 34.34
CA GLY B 154 5.26 -4.91 35.54
C GLY B 154 6.42 -3.96 35.45
N SER B 155 6.67 -3.37 34.28
CA SER B 155 7.85 -2.50 34.10
C SER B 155 7.58 -1.10 34.66
N ALA B 156 8.64 -0.39 35.05
CA ALA B 156 8.51 0.94 35.63
C ALA B 156 7.67 1.80 34.72
N LYS B 157 7.92 1.77 33.42
CA LYS B 157 7.26 2.68 32.48
C LYS B 157 6.15 2.02 31.64
N GLU B 158 5.58 0.97 32.21
CA GLU B 158 4.53 0.25 31.61
C GLU B 158 3.40 1.18 31.13
N TRP B 159 3.01 2.11 31.98
CA TRP B 159 1.90 2.93 31.68
C TRP B 159 2.28 4.36 31.32
N SER B 160 3.56 4.58 31.11
CA SER B 160 4.08 5.93 30.80
C SER B 160 4.79 5.92 29.44
N GLY B 161 4.36 5.05 28.54
CA GLY B 161 5.01 4.95 27.23
C GLY B 161 6.32 4.14 27.13
N GLY B 162 6.68 3.35 28.12
CA GLY B 162 7.85 2.48 28.01
C GLY B 162 9.18 3.18 27.90
N THR B 163 10.18 2.47 27.38
CA THR B 163 11.48 3.05 27.17
C THR B 163 11.78 3.22 25.71
N PRO B 164 12.84 3.95 25.37
CA PRO B 164 13.12 4.18 23.98
C PRO B 164 13.39 2.95 23.19
N ALA B 165 14.14 2.04 23.78
CA ALA B 165 14.41 0.78 23.15
C ALA B 165 13.07 0.10 22.83
N GLU B 166 12.15 0.17 23.80
CA GLU B 166 10.90 -0.52 23.66
C GLU B 166 10.10 0.08 22.54
N ARG B 167 10.13 1.40 22.40
CA ARG B 167 9.32 2.08 21.39
C ARG B 167 9.79 1.75 19.95
N LYS B 168 11.09 1.57 19.79
CA LYS B 168 11.66 1.12 18.51
C LYS B 168 11.12 -0.30 18.20
N LEU B 169 11.09 -1.16 19.19
CA LEU B 169 10.45 -2.48 19.06
C LEU B 169 9.03 -2.36 18.54
N ILE B 170 8.30 -1.41 19.13
CA ILE B 170 6.91 -1.16 18.75
C ILE B 170 6.83 -0.80 17.27
N ASN B 171 7.73 0.07 16.78
CA ASN B 171 7.77 0.36 15.32
C ASN B 171 7.99 -0.93 14.48
N ALA B 172 8.85 -1.80 14.96
CA ALA B 172 9.11 -3.02 14.20
C ALA B 172 7.86 -3.86 14.19
N MET B 173 7.19 -3.89 15.35
CA MET B 173 6.01 -4.75 15.46
C MET B 173 4.87 -4.22 14.60
N ASN B 174 4.63 -2.94 14.68
CA ASN B 174 3.63 -2.33 13.82
C ASN B 174 3.89 -2.71 12.36
N LYS B 175 5.16 -2.71 11.98
CA LYS B 175 5.52 -2.98 10.58
C LYS B 175 5.26 -4.43 10.23
N ALA B 176 5.64 -5.29 11.14
CA ALA B 176 5.42 -6.71 10.96
C ALA B 176 3.95 -6.98 10.71
N PHE B 177 3.10 -6.32 11.51
CA PHE B 177 1.65 -6.45 11.46
C PHE B 177 1.07 -6.07 10.08
N ILE B 178 1.45 -4.90 9.63
CA ILE B 178 0.99 -4.31 8.37
C ILE B 178 1.52 -5.17 7.22
N ASP B 179 2.78 -5.52 7.29
CA ASP B 179 3.34 -6.38 6.26
C ASP B 179 2.56 -7.70 6.15
N ALA B 180 2.27 -8.37 7.27
CA ALA B 180 1.63 -9.67 7.19
C ALA B 180 0.23 -9.58 6.60
N VAL B 181 -0.47 -8.51 6.92
CA VAL B 181 -1.85 -8.39 6.47
C VAL B 181 -1.82 -8.11 5.00
N ARG B 182 -1.03 -7.14 4.61
CA ARG B 182 -0.98 -6.72 3.20
C ARG B 182 -0.56 -7.91 2.27
N ALA B 183 0.35 -8.74 2.74
CA ALA B 183 0.81 -9.88 1.94
C ALA B 183 -0.30 -10.87 1.71
N THR B 184 -1.40 -10.78 2.45
CA THR B 184 -2.51 -11.69 2.17
C THR B 184 -3.42 -11.24 1.03
N GLY B 185 -3.30 -10.01 0.54
CA GLY B 185 -4.10 -9.61 -0.61
C GLY B 185 -5.61 -9.49 -0.33
N GLY B 186 -6.38 -9.54 -1.42
CA GLY B 186 -7.81 -9.36 -1.36
C GLY B 186 -8.19 -8.01 -0.78
N ASN B 187 -9.20 -7.98 0.07
CA ASN B 187 -9.63 -6.70 0.58
C ASN B 187 -8.66 -6.20 1.58
N ASN B 188 -7.75 -7.07 2.02
CA ASN B 188 -6.68 -6.63 2.94
C ASN B 188 -5.62 -5.77 2.27
N ALA B 189 -5.65 -5.56 0.96
CA ALA B 189 -4.64 -4.70 0.34
C ALA B 189 -4.72 -3.27 0.77
N ASP B 190 -5.93 -2.78 0.90
CA ASP B 190 -6.16 -1.41 1.31
C ASP B 190 -7.10 -1.29 2.55
N ARG B 191 -7.36 -2.40 3.26
CA ARG B 191 -8.03 -2.34 4.59
C ARG B 191 -7.34 -1.34 5.57
N VAL B 192 -8.15 -0.59 6.33
CA VAL B 192 -7.57 0.28 7.30
C VAL B 192 -6.96 -0.60 8.38
N LEU B 193 -5.66 -0.37 8.57
CA LEU B 193 -4.86 -1.07 9.56
C LEU B 193 -4.47 -0.03 10.63
N ILE B 194 -4.78 -0.34 11.88
CA ILE B 194 -4.66 0.61 12.96
C ILE B 194 -3.51 0.17 13.83
N ILE B 195 -2.42 0.94 13.77
CA ILE B 195 -1.21 0.71 14.58
C ILE B 195 -1.33 1.47 15.94
N CYS B 196 -0.34 1.32 16.80
CA CYS B 196 -0.40 1.97 18.10
C CYS B 196 0.95 2.36 18.59
N THR B 197 0.98 3.25 19.60
CA THR B 197 2.18 3.53 20.35
C THR B 197 2.36 2.49 21.40
N TYR B 198 3.50 2.57 22.11
CA TYR B 198 3.76 1.71 23.21
C TYR B 198 2.66 1.95 24.23
N GLY B 199 2.04 0.91 24.72
CA GLY B 199 0.97 1.12 25.72
C GLY B 199 -0.29 1.80 25.24
N HIS B 200 -0.36 2.11 23.94
CA HIS B 200 -1.34 3.03 23.42
C HIS B 200 -1.24 4.41 24.12
N ASN B 201 -0.07 4.74 24.64
CA ASN B 201 0.10 5.97 25.42
C ASN B 201 0.27 7.17 24.48
N SER B 202 -0.16 8.35 24.92
CA SER B 202 -0.08 9.53 24.04
C SER B 202 0.76 10.68 24.56
N ASP B 203 1.65 10.43 25.53
CA ASP B 203 2.63 11.42 25.94
C ASP B 203 3.58 11.79 24.80
N GLU B 204 4.07 13.02 24.85
CA GLU B 204 4.87 13.57 23.76
C GLU B 204 6.01 12.60 23.35
N PRO B 205 6.79 12.09 24.31
CA PRO B 205 7.90 11.22 23.94
C PRO B 205 7.48 9.86 23.33
N THR B 206 6.30 9.37 23.72
CA THR B 206 5.76 8.18 23.13
C THR B 206 5.43 8.44 21.65
N LEU B 207 4.80 9.58 21.36
CA LEU B 207 4.41 9.93 20.01
C LEU B 207 5.58 10.36 19.16
N LYS B 208 6.51 11.07 19.75
CA LYS B 208 7.62 11.57 18.96
C LYS B 208 8.44 10.39 18.43
N ASP B 209 8.53 9.31 19.21
CA ASP B 209 9.22 8.11 18.74
C ASP B 209 8.42 7.26 17.74
N LEU B 210 7.20 7.63 17.43
CA LEU B 210 6.39 6.73 16.60
C LEU B 210 6.70 6.90 15.11
N GLU B 211 7.16 5.81 14.49
CA GLU B 211 7.37 5.75 13.06
C GLU B 211 6.03 5.70 12.32
N ILE B 212 5.88 6.49 11.28
CA ILE B 212 4.65 6.51 10.52
C ILE B 212 4.89 5.73 9.24
N PRO B 213 4.18 4.61 9.04
CA PRO B 213 4.46 3.85 7.82
C PRO B 213 4.02 4.67 6.66
N SER B 214 4.66 4.43 5.55
CA SER B 214 4.27 5.13 4.36
C SER B 214 3.03 4.47 3.80
N ASP B 215 2.64 3.31 4.31
CA ASP B 215 1.38 2.77 3.87
C ASP B 215 0.32 3.82 4.18
N PRO B 216 -0.48 4.15 3.17
CA PRO B 216 -1.41 5.25 3.26
C PRO B 216 -2.76 4.84 3.82
N ASN B 217 -2.94 3.54 4.04
CA ASN B 217 -4.19 3.01 4.58
C ASN B 217 -4.07 2.55 6.02
N ILE B 218 -3.48 3.43 6.80
CA ILE B 218 -3.37 3.19 8.22
C ILE B 218 -4.00 4.30 9.09
N ALA B 219 -4.21 3.98 10.36
CA ALA B 219 -4.41 4.97 11.35
C ALA B 219 -3.66 4.61 12.63
N VAL B 220 -3.52 5.62 13.48
CA VAL B 220 -2.82 5.49 14.73
C VAL B 220 -3.82 5.47 15.87
N ALA B 221 -3.78 4.40 16.64
CA ALA B 221 -4.70 4.31 17.77
C ALA B 221 -4.05 4.75 19.09
N LEU B 222 -4.87 5.36 19.94
CA LEU B 222 -4.46 5.78 21.27
C LEU B 222 -5.54 5.46 22.27
N HIS B 223 -5.18 5.24 23.52
CA HIS B 223 -6.16 5.13 24.62
C HIS B 223 -5.95 6.29 25.61
N THR B 224 -7.00 7.03 25.87
CA THR B 224 -6.92 8.22 26.68
C THR B 224 -8.12 8.21 27.56
N TYR B 225 -7.94 7.75 28.76
CA TYR B 225 -9.08 7.74 29.65
C TYR B 225 -8.85 8.97 30.55
N THR B 226 -8.86 10.15 29.93
CA THR B 226 -8.24 11.34 30.50
C THR B 226 -9.30 12.27 31.10
N PRO B 227 -9.07 12.73 32.33
CA PRO B 227 -7.95 12.39 33.24
C PRO B 227 -8.14 11.10 34.02
N TYR B 228 -7.05 10.39 34.19
CA TYR B 228 -7.00 9.16 34.93
C TYR B 228 -7.74 9.21 36.27
N PHE B 229 -7.48 10.25 37.06
CA PHE B 229 -8.12 10.37 38.40
C PHE B 229 -9.60 10.69 38.39
N PHE B 230 -10.10 11.15 37.27
CA PHE B 230 -11.57 11.25 37.09
C PHE B 230 -12.20 9.91 36.63
N THR B 231 -11.51 9.24 35.69
CA THR B 231 -12.10 8.06 35.02
C THR B 231 -11.92 6.80 35.81
N TYR B 232 -10.79 6.66 36.51
CA TYR B 232 -10.53 5.52 37.36
C TYR B 232 -10.77 5.80 38.84
N VAL B 233 -10.85 4.70 39.56
CA VAL B 233 -10.97 4.72 40.99
C VAL B 233 -9.62 4.40 41.55
N ALA B 234 -9.07 5.28 42.37
CA ALA B 234 -7.69 5.17 42.81
C ALA B 234 -7.42 6.20 43.91
N ASP B 235 -6.29 6.07 44.61
CA ASP B 235 -5.91 7.02 45.64
C ASP B 235 -5.71 8.41 45.02
N GLY B 236 -6.59 9.34 45.33
CA GLY B 236 -6.50 10.70 44.78
C GLY B 236 -7.47 10.94 43.65
N SER B 237 -8.35 9.95 43.43
CA SER B 237 -9.29 10.06 42.34
C SER B 237 -10.40 10.95 42.81
N TYR B 238 -11.17 11.45 41.87
CA TYR B 238 -12.27 12.29 42.17
C TYR B 238 -13.38 12.00 41.19
N SER B 239 -14.59 12.48 41.53
CA SER B 239 -15.81 12.13 40.86
C SER B 239 -16.62 13.36 40.39
N VAL B 240 -16.08 14.54 40.71
CA VAL B 240 -16.67 15.83 40.37
C VAL B 240 -16.06 16.30 39.05
N TRP B 241 -16.91 16.70 38.08
CA TRP B 241 -16.35 17.31 36.88
C TRP B 241 -16.97 18.67 36.74
N ASN B 242 -16.18 19.68 37.04
CA ASN B 242 -16.61 21.05 36.86
C ASN B 242 -15.87 21.75 35.75
N GLY B 243 -15.07 21.04 34.97
CA GLY B 243 -14.34 21.69 33.89
C GLY B 243 -12.94 22.19 34.24
N SER B 244 -12.59 22.28 35.53
CA SER B 244 -11.26 22.78 35.88
C SER B 244 -10.14 21.88 35.37
N LYS B 245 -10.44 20.62 35.11
CA LYS B 245 -9.40 19.71 34.68
C LYS B 245 -9.37 19.50 33.18
N LYS B 246 -10.26 20.18 32.48
CA LYS B 246 -10.29 20.18 31.05
C LYS B 246 -8.93 20.39 30.39
N ASN B 247 -8.07 21.17 31.01
CA ASN B 247 -6.78 21.45 30.35
C ASN B 247 -5.90 20.22 30.24
N ASP B 248 -6.16 19.22 31.08
CA ASP B 248 -5.47 17.95 30.97
C ASP B 248 -5.84 17.24 29.69
N ILE B 249 -7.09 17.35 29.29
CA ILE B 249 -7.53 16.81 28.03
C ILE B 249 -6.86 17.62 26.90
N THR B 250 -7.00 18.95 26.98
CA THR B 250 -6.62 19.86 25.92
C THR B 250 -5.18 19.72 25.62
N TRP B 251 -4.38 19.60 26.67
CA TRP B 251 -2.95 19.57 26.59
C TRP B 251 -2.53 18.29 25.93
N GLN B 252 -3.11 17.20 26.38
CA GLN B 252 -2.85 15.95 25.73
C GLN B 252 -3.28 15.94 24.26
N TYR B 253 -4.45 16.51 23.95
CA TYR B 253 -4.91 16.55 22.56
C TYR B 253 -3.98 17.36 21.66
N ASN B 254 -3.34 18.38 22.22
CA ASN B 254 -2.50 19.22 21.39
C ASN B 254 -1.26 18.45 20.92
N ASN B 255 -0.79 17.52 21.75
CA ASN B 255 0.27 16.64 21.36
C ASN B 255 -0.11 15.64 20.27
N ILE B 256 -1.38 15.28 20.21
CA ILE B 256 -1.84 14.38 19.19
C ILE B 256 -2.01 15.19 17.92
N LYS B 257 -2.55 16.38 18.07
CA LYS B 257 -2.60 17.28 16.94
C LYS B 257 -1.19 17.53 16.40
N LYS B 258 -0.24 17.77 17.29
CA LYS B 258 1.06 18.16 16.84
C LYS B 258 1.75 17.01 16.09
N TYR B 259 1.72 15.81 16.64
CA TYR B 259 2.45 14.70 16.01
C TYR B 259 1.66 13.94 14.96
N LEU B 260 0.34 14.08 14.96
CA LEU B 260 -0.50 13.29 14.07
C LEU B 260 -1.48 14.09 13.22
N ILE B 261 -2.46 14.73 13.83
CA ILE B 261 -3.57 15.24 13.05
C ILE B 261 -3.08 16.28 12.08
N ASP B 262 -2.28 17.22 12.57
CA ASP B 262 -1.74 18.31 11.78
C ASP B 262 -0.69 17.86 10.80
N LYS B 263 -0.32 16.59 10.80
CA LYS B 263 0.50 16.08 9.74
C LYS B 263 -0.28 15.21 8.81
N GLY B 264 -1.60 15.20 8.88
CA GLY B 264 -2.39 14.39 7.93
C GLY B 264 -2.54 12.94 8.25
N ILE B 265 -2.22 12.58 9.48
CA ILE B 265 -2.27 11.16 9.92
C ILE B 265 -3.56 10.83 10.63
N PRO B 266 -4.34 9.91 10.12
CA PRO B 266 -5.54 9.53 10.86
C PRO B 266 -5.27 9.01 12.27
N VAL B 267 -6.15 9.36 13.21
CA VAL B 267 -6.05 8.97 14.61
C VAL B 267 -7.36 8.51 15.16
N VAL B 268 -7.35 7.43 15.90
CA VAL B 268 -8.58 6.91 16.51
C VAL B 268 -8.29 6.63 17.95
N ILE B 269 -9.22 7.02 18.81
CA ILE B 269 -9.11 6.70 20.21
C ILE B 269 -9.92 5.42 20.41
N THR B 270 -9.23 4.27 20.42
CA THR B 270 -9.90 3.00 20.38
C THR B 270 -10.39 2.51 21.72
N GLU B 271 -10.07 3.25 22.78
CA GLU B 271 -10.66 3.07 24.09
C GLU B 271 -10.65 4.42 24.87
N THR B 272 -11.77 4.68 25.52
CA THR B 272 -11.88 5.72 26.51
C THR B 272 -13.19 5.43 27.29
N GLY B 273 -13.51 6.29 28.24
CA GLY B 273 -14.62 6.02 29.18
C GLY B 273 -14.39 6.48 30.59
N ALA B 274 -15.45 6.54 31.38
CA ALA B 274 -15.32 6.96 32.80
C ALA B 274 -16.03 5.98 33.69
N GLN B 275 -15.31 5.45 34.65
CA GLN B 275 -15.97 4.55 35.59
C GLN B 275 -17.11 5.27 36.32
N PHE B 276 -18.20 4.53 36.51
CA PHE B 276 -19.38 5.13 37.17
C PHE B 276 -19.19 5.22 38.68
N LYS B 277 -19.29 6.46 39.18
CA LYS B 277 -19.12 6.80 40.59
C LYS B 277 -20.36 7.59 41.07
N GLU B 278 -21.55 7.07 40.79
CA GLU B 278 -22.75 7.76 41.26
C GLU B 278 -22.74 9.22 40.91
N ASN B 279 -22.27 9.55 39.72
CA ASN B 279 -21.98 10.94 39.37
C ASN B 279 -22.38 11.24 37.94
N THR B 280 -23.56 10.77 37.57
CA THR B 280 -24.04 10.92 36.18
C THR B 280 -23.73 12.27 35.58
N GLU B 281 -24.05 13.33 36.31
CA GLU B 281 -24.03 14.67 35.75
C GLU B 281 -22.62 15.11 35.41
N ASP B 282 -21.70 14.66 36.21
CA ASP B 282 -20.29 14.93 36.01
C ASP B 282 -19.77 14.21 34.77
N ILE B 283 -20.08 12.90 34.66
CA ILE B 283 -19.69 12.12 33.46
C ILE B 283 -20.19 12.77 32.18
N VAL B 284 -21.46 13.18 32.21
CA VAL B 284 -22.06 13.91 31.11
C VAL B 284 -21.23 15.14 30.81
N ARG B 285 -20.85 15.91 31.84
CA ARG B 285 -20.09 17.10 31.56
C ARG B 285 -18.73 16.71 30.98
N TRP B 286 -18.16 15.63 31.51
CA TRP B 286 -16.83 15.21 31.13
C TRP B 286 -16.85 14.77 29.66
N ILE B 287 -17.87 13.98 29.34
CA ILE B 287 -18.16 13.66 27.95
C ILE B 287 -18.21 14.88 27.01
N GLY B 288 -18.79 15.98 27.46
CA GLY B 288 -18.91 17.20 26.62
C GLY B 288 -17.54 17.73 26.32
N ASP B 289 -16.69 17.70 27.34
CA ASP B 289 -15.40 18.27 27.20
C ASP B 289 -14.49 17.33 26.43
N TYR B 290 -14.65 16.05 26.68
CA TYR B 290 -13.68 15.13 26.15
C TYR B 290 -13.96 14.82 24.68
N VAL B 291 -15.19 14.39 24.44
CA VAL B 291 -15.58 14.09 23.09
C VAL B 291 -15.62 15.34 22.20
N GLY B 292 -16.04 16.45 22.76
CA GLY B 292 -16.08 17.72 22.07
C GLY B 292 -14.70 18.23 21.68
N THR B 293 -13.73 17.90 22.50
CA THR B 293 -12.38 18.12 22.11
C THR B 293 -12.03 17.35 20.82
N LEU B 294 -12.29 16.05 20.83
CA LEU B 294 -11.99 15.18 19.68
C LEU B 294 -12.76 15.62 18.47
N ASP B 295 -14.01 16.04 18.69
CA ASP B 295 -14.85 16.45 17.57
C ASP B 295 -14.30 17.63 16.79
N GLN B 296 -13.43 18.40 17.42
CA GLN B 296 -12.87 19.54 16.75
C GLN B 296 -12.09 19.16 15.52
N ASP B 297 -11.55 17.95 15.44
CA ASP B 297 -10.93 17.55 14.19
C ASP B 297 -11.48 16.29 13.66
N GLY B 298 -12.72 15.96 13.98
CA GLY B 298 -13.34 14.80 13.40
C GLY B 298 -12.82 13.46 13.92
N VAL B 299 -12.08 13.50 15.01
CA VAL B 299 -11.53 12.29 15.62
C VAL B 299 -12.62 11.51 16.37
N LYS B 300 -12.71 10.20 16.06
CA LYS B 300 -13.63 9.25 16.64
C LYS B 300 -13.09 8.45 17.80
N CYS B 301 -14.00 8.02 18.68
CA CYS B 301 -13.54 7.25 19.83
C CYS B 301 -14.45 6.06 20.01
N PHE B 302 -13.91 5.04 20.64
CA PHE B 302 -14.68 3.85 21.00
C PHE B 302 -14.67 3.76 22.52
N ILE B 303 -15.83 3.54 23.10
CA ILE B 303 -15.95 3.63 24.58
C ILE B 303 -15.80 2.24 25.13
N TRP B 304 -15.04 2.09 26.22
CA TRP B 304 -14.87 0.82 26.85
C TRP B 304 -16.12 0.40 27.63
N ASP B 305 -16.66 -0.77 27.33
CA ASP B 305 -17.85 -1.25 28.04
C ASP B 305 -17.62 -2.68 28.46
N ASN B 306 -17.37 -2.88 29.75
CA ASN B 306 -17.12 -4.24 30.25
C ASN B 306 -18.37 -4.81 30.87
N ASN B 307 -19.49 -4.15 30.71
CA ASN B 307 -20.76 -4.65 31.32
C ASN B 307 -20.70 -4.73 32.83
N ILE B 308 -19.82 -3.94 33.47
CA ILE B 308 -19.76 -3.87 34.94
C ILE B 308 -20.31 -2.50 35.43
N TYR B 309 -21.40 -2.56 36.19
CA TYR B 309 -22.13 -1.43 36.80
C TYR B 309 -22.70 -2.15 38.02
N HIS B 310 -23.20 -1.52 39.05
CA HIS B 310 -23.76 -2.35 40.20
C HIS B 310 -22.72 -3.24 40.92
N GLY B 311 -22.27 -4.29 40.23
CA GLY B 311 -21.31 -5.26 40.76
C GLY B 311 -19.98 -4.61 41.01
N ASN B 312 -19.07 -5.40 41.58
CA ASN B 312 -17.73 -4.98 41.84
C ASN B 312 -16.89 -5.06 40.57
N GLY B 313 -15.90 -4.17 40.50
CA GLY B 313 -14.97 -4.10 39.40
C GLY B 313 -15.01 -2.69 38.83
N GLU B 314 -14.25 -2.46 37.76
CA GLU B 314 -14.18 -1.16 37.17
C GLU B 314 -15.51 -0.93 36.46
N LYS B 315 -16.24 0.08 36.91
CA LYS B 315 -17.63 0.32 36.47
C LYS B 315 -17.79 1.05 35.10
N PHE B 316 -17.30 0.42 34.05
CA PHE B 316 -17.39 0.98 32.71
C PHE B 316 -18.67 0.53 31.96
N GLY B 317 -19.49 -0.27 32.61
CA GLY B 317 -20.63 -0.85 31.94
C GLY B 317 -21.63 0.20 31.52
N LEU B 318 -22.22 0.03 30.34
CA LEU B 318 -23.20 0.96 29.80
C LEU B 318 -24.37 0.20 29.33
N LEU B 319 -24.12 -0.86 28.59
CA LEU B 319 -25.22 -1.74 28.19
C LEU B 319 -25.37 -2.93 29.10
N ASN B 320 -26.53 -3.05 29.72
CA ASN B 320 -26.88 -4.24 30.41
C ASN B 320 -27.25 -5.32 29.41
N ARG B 321 -26.33 -6.23 29.21
CA ARG B 321 -26.43 -7.13 28.06
C ARG B 321 -27.52 -8.15 28.28
N SER B 322 -27.67 -8.59 29.51
CA SER B 322 -28.73 -9.51 29.79
C SER B 322 -30.11 -8.90 29.63
N LEU B 323 -30.30 -7.61 29.86
CA LEU B 323 -31.61 -7.04 29.69
C LEU B 323 -31.83 -6.29 28.40
N LEU B 324 -30.80 -6.23 27.58
CA LEU B 324 -30.82 -5.33 26.46
C LEU B 324 -31.34 -3.95 26.79
N LYS B 325 -30.99 -3.47 27.98
CA LYS B 325 -31.31 -2.09 28.43
C LYS B 325 -30.00 -1.49 28.83
N TRP B 326 -29.93 -0.16 28.76
CA TRP B 326 -28.75 0.58 29.11
C TRP B 326 -28.80 0.89 30.59
N TYR B 327 -27.68 0.72 31.28
CA TYR B 327 -27.56 1.08 32.70
C TYR B 327 -27.79 2.56 33.00
N ASN B 328 -27.51 3.44 32.04
CA ASN B 328 -27.59 4.85 32.29
C ASN B 328 -27.78 5.66 31.03
N ASP B 329 -29.02 6.03 30.77
CA ASP B 329 -29.37 6.65 29.52
C ASP B 329 -28.82 8.01 29.39
N ASP B 330 -28.62 8.70 30.51
CA ASP B 330 -28.11 10.05 30.43
C ASP B 330 -26.71 10.07 29.92
N ILE B 331 -25.89 9.10 30.39
CA ILE B 331 -24.51 9.02 29.98
C ILE B 331 -24.47 8.61 28.54
N VAL B 332 -25.25 7.63 28.22
CA VAL B 332 -25.32 7.13 26.87
C VAL B 332 -25.76 8.21 25.89
N ASP B 333 -26.73 9.02 26.28
CA ASP B 333 -27.25 10.05 25.39
C ASP B 333 -26.15 10.97 25.02
N ALA B 334 -25.33 11.31 26.01
CA ALA B 334 -24.28 12.30 25.83
C ALA B 334 -23.29 11.78 24.81
N TYR B 335 -23.03 10.48 24.87
CA TYR B 335 -22.07 9.86 23.94
C TYR B 335 -22.70 9.87 22.52
N VAL B 336 -23.80 9.16 22.34
CA VAL B 336 -24.37 9.00 20.99
C VAL B 336 -24.85 10.30 20.37
N ASN B 337 -25.16 11.28 21.20
CA ASN B 337 -25.56 12.57 20.69
C ASN B 337 -24.47 13.59 20.75
N HIS B 338 -23.24 13.12 20.81
CA HIS B 338 -22.13 14.03 20.95
C HIS B 338 -22.07 15.05 19.83
N ALA B 339 -22.55 14.72 18.64
CA ALA B 339 -22.50 15.67 17.52
C ALA B 339 -23.79 16.47 17.40
#